data_1AO1
# 
_entry.id   1AO1 
# 
_audit_conform.dict_name       mmcif_pdbx.dic 
_audit_conform.dict_version    5.392 
_audit_conform.dict_location   http://mmcif.pdb.org/dictionaries/ascii/mmcif_pdbx.dic 
# 
loop_
_database_2.database_id 
_database_2.database_code 
_database_2.pdbx_database_accession 
_database_2.pdbx_DOI 
PDB   1AO1         pdb_00001ao1 10.2210/pdb1ao1/pdb 
WWPDB D_1000171048 ?            ?                   
# 
loop_
_pdbx_audit_revision_history.ordinal 
_pdbx_audit_revision_history.data_content_type 
_pdbx_audit_revision_history.major_revision 
_pdbx_audit_revision_history.minor_revision 
_pdbx_audit_revision_history.revision_date 
1 'Structure model' 1 0 1997-09-17 
2 'Structure model' 1 1 2008-03-03 
3 'Structure model' 1 2 2011-07-13 
4 'Structure model' 1 3 2022-02-16 
5 'Structure model' 1 4 2024-05-22 
# 
_pdbx_audit_revision_details.ordinal             1 
_pdbx_audit_revision_details.revision_ordinal    1 
_pdbx_audit_revision_details.data_content_type   'Structure model' 
_pdbx_audit_revision_details.provider            repository 
_pdbx_audit_revision_details.type                'Initial release' 
_pdbx_audit_revision_details.description         ? 
_pdbx_audit_revision_details.details             ? 
# 
loop_
_pdbx_audit_revision_group.ordinal 
_pdbx_audit_revision_group.revision_ordinal 
_pdbx_audit_revision_group.data_content_type 
_pdbx_audit_revision_group.group 
1 2 'Structure model' 'Version format compliance' 
2 3 'Structure model' 'Version format compliance' 
3 4 'Structure model' 'Database references'       
4 4 'Structure model' 'Derived calculations'      
5 4 'Structure model' Other                       
6 5 'Structure model' 'Data collection'           
# 
loop_
_pdbx_audit_revision_category.ordinal 
_pdbx_audit_revision_category.revision_ordinal 
_pdbx_audit_revision_category.data_content_type 
_pdbx_audit_revision_category.category 
1 4 'Structure model' database_2            
2 4 'Structure model' pdbx_database_status  
3 4 'Structure model' pdbx_struct_assembly  
4 4 'Structure model' pdbx_struct_oper_list 
5 4 'Structure model' struct_site           
6 5 'Structure model' chem_comp_atom        
7 5 'Structure model' chem_comp_bond        
# 
loop_
_pdbx_audit_revision_item.ordinal 
_pdbx_audit_revision_item.revision_ordinal 
_pdbx_audit_revision_item.data_content_type 
_pdbx_audit_revision_item.item 
1 4 'Structure model' '_database_2.pdbx_DOI'                
2 4 'Structure model' '_database_2.pdbx_database_accession' 
3 4 'Structure model' '_pdbx_database_status.process_site'  
4 4 'Structure model' '_struct_site.pdbx_auth_asym_id'      
5 4 'Structure model' '_struct_site.pdbx_auth_comp_id'      
6 4 'Structure model' '_struct_site.pdbx_auth_seq_id'       
# 
_pdbx_database_status.status_code                     REL 
_pdbx_database_status.entry_id                        1AO1 
_pdbx_database_status.recvd_initial_deposition_date   1997-07-16 
_pdbx_database_status.deposit_site                    ? 
_pdbx_database_status.process_site                    BNL 
_pdbx_database_status.status_code_sf                  ? 
_pdbx_database_status.status_code_mr                  REL 
_pdbx_database_status.SG_entry                        ? 
_pdbx_database_status.pdb_format_compatible           Y 
_pdbx_database_status.status_code_cs                  ? 
_pdbx_database_status.status_code_nmr_data            ? 
_pdbx_database_status.methods_development_category    ? 
# 
loop_
_audit_author.name 
_audit_author.pdbx_ordinal 
'Caceres-Cortes, J.' 1 
'Sugiyama, H.'       2 
'Ikudome, K.'        3 
'Saito, I.'          4 
'Wang, A.H.-J.'      5 
# 
_citation.id                        primary 
_citation.title                     
'Interactions of deglycosylated cobalt(III)-pepleomycin (green form) with DNA based on NMR structural studies,.' 
_citation.journal_abbrev            Biochemistry 
_citation.journal_volume            36 
_citation.page_first                9995 
_citation.page_last                 10005 
_citation.year                      1997 
_citation.journal_id_ASTM           BICHAW 
_citation.country                   US 
_citation.journal_id_ISSN           0006-2960 
_citation.journal_id_CSD            0033 
_citation.book_publisher            ? 
_citation.pdbx_database_id_PubMed   9254594 
_citation.pdbx_database_id_DOI      10.1021/bi9708951 
# 
loop_
_citation_author.citation_id 
_citation_author.name 
_citation_author.ordinal 
_citation_author.identifier_ORCID 
primary 'Caceres-Cortes, J.' 1 ? 
primary 'Sugiyama, H.'       2 ? 
primary 'Ikudome, K.'        3 ? 
primary 'Saito, I.'          4 ? 
primary 'Wang, A.H.'         5 ? 
# 
loop_
_entity.id 
_entity.type 
_entity.src_method 
_entity.pdbx_description 
_entity.formula_weight 
_entity.pdbx_number_of_molecules 
_entity.pdbx_ec 
_entity.pdbx_mutation 
_entity.pdbx_fragment 
_entity.details 
1 polymer     syn 
;DNA (5'-D(*CP*GP*TP*AP*CP*G)-3')
;
1809.217 2 ? ? ? 'DEGLYCOSYLATED PEPLEOMYCIN IS A DNA CLEAVING AGENT WITH ANTITUMOR ACTIVITY' 
2 non-polymer syn 'COBALT (III)-DEGLYCOPEPLEOMYCIN'  1198.223 1 ? ? ? ? 
# 
_entity_poly.entity_id                      1 
_entity_poly.type                           polydeoxyribonucleotide 
_entity_poly.nstd_linkage                   no 
_entity_poly.nstd_monomer                   no 
_entity_poly.pdbx_seq_one_letter_code       '(DC)(DG)(DT)(DA)(DC)(DG)' 
_entity_poly.pdbx_seq_one_letter_code_can   CGTACG 
_entity_poly.pdbx_strand_id                 A,B 
_entity_poly.pdbx_target_identifier         ? 
# 
_pdbx_entity_nonpoly.entity_id   2 
_pdbx_entity_nonpoly.name        'COBALT (III)-DEGLYCOPEPLEOMYCIN' 
_pdbx_entity_nonpoly.comp_id     PL1 
# 
loop_
_entity_poly_seq.entity_id 
_entity_poly_seq.num 
_entity_poly_seq.mon_id 
_entity_poly_seq.hetero 
1 1 DC n 
1 2 DG n 
1 3 DT n 
1 4 DA n 
1 5 DC n 
1 6 DG n 
# 
loop_
_chem_comp.id 
_chem_comp.type 
_chem_comp.mon_nstd_flag 
_chem_comp.name 
_chem_comp.pdbx_synonyms 
_chem_comp.formula 
_chem_comp.formula_weight 
DA  'DNA linking' y "2'-DEOXYADENOSINE-5'-MONOPHOSPHATE" ? 'C10 H14 N5 O6 P'         331.222  
DC  'DNA linking' y "2'-DEOXYCYTIDINE-5'-MONOPHOSPHATE"  ? 'C9 H14 N3 O7 P'          307.197  
DG  'DNA linking' y "2'-DEOXYGUANOSINE-5'-MONOPHOSPHATE" ? 'C10 H14 N5 O7 P'         347.221  
DT  'DNA linking' y "THYMIDINE-5'-MONOPHOSPHATE"         ? 'C10 H15 N2 O8 P'         322.208  
PL1 non-polymer   . 'COBALT (III)-DEGLYCOPEPLEOMYCIN'    ? 'C48 H68 Co N17 O12 S2 1' 1198.223 
# 
loop_
_pdbx_poly_seq_scheme.asym_id 
_pdbx_poly_seq_scheme.entity_id 
_pdbx_poly_seq_scheme.seq_id 
_pdbx_poly_seq_scheme.mon_id 
_pdbx_poly_seq_scheme.ndb_seq_num 
_pdbx_poly_seq_scheme.pdb_seq_num 
_pdbx_poly_seq_scheme.auth_seq_num 
_pdbx_poly_seq_scheme.pdb_mon_id 
_pdbx_poly_seq_scheme.auth_mon_id 
_pdbx_poly_seq_scheme.pdb_strand_id 
_pdbx_poly_seq_scheme.pdb_ins_code 
_pdbx_poly_seq_scheme.hetero 
A 1 1 DC 1 1  1  DC C A . n 
A 1 2 DG 2 2  2  DG G A . n 
A 1 3 DT 3 3  3  DT T A . n 
A 1 4 DA 4 4  4  DA A A . n 
A 1 5 DC 5 5  5  DC C A . n 
A 1 6 DG 6 6  6  DG G A . n 
B 1 1 DC 1 7  7  DC C B . n 
B 1 2 DG 2 8  8  DG G B . n 
B 1 3 DT 3 9  9  DT T B . n 
B 1 4 DA 4 10 10 DA A B . n 
B 1 5 DC 5 11 11 DC C B . n 
B 1 6 DG 6 12 12 DG G B . n 
# 
_pdbx_nonpoly_scheme.asym_id         C 
_pdbx_nonpoly_scheme.entity_id       2 
_pdbx_nonpoly_scheme.mon_id          PL1 
_pdbx_nonpoly_scheme.ndb_seq_num     1 
_pdbx_nonpoly_scheme.pdb_seq_num     13 
_pdbx_nonpoly_scheme.auth_seq_num    13 
_pdbx_nonpoly_scheme.pdb_mon_id      PL1 
_pdbx_nonpoly_scheme.auth_mon_id     PL1 
_pdbx_nonpoly_scheme.pdb_strand_id   B 
_pdbx_nonpoly_scheme.pdb_ins_code    . 
# 
loop_
_software.name 
_software.classification 
_software.version 
_software.citation_id 
_software.pdbx_ordinal 
X-PLOR 'model building' . ? 1 
X-PLOR refinement       . ? 2 
X-PLOR phasing          . ? 3 
# 
_cell.entry_id           1AO1 
_cell.length_a           1.000 
_cell.length_b           1.000 
_cell.length_c           1.000 
_cell.angle_alpha        90.00 
_cell.angle_beta         90.00 
_cell.angle_gamma        90.00 
_cell.Z_PDB              1 
_cell.pdbx_unique_axis   ? 
# 
_symmetry.entry_id                         1AO1 
_symmetry.space_group_name_H-M             'P 1' 
_symmetry.pdbx_full_space_group_name_H-M   ? 
_symmetry.cell_setting                     ? 
_symmetry.Int_Tables_number                1 
# 
_exptl.entry_id          1AO1 
_exptl.method            'SOLUTION NMR' 
_exptl.crystals_number   ? 
# 
_struct.entry_id                  1AO1 
_struct.title                     
'INTERACTIONS OF DEGLYCOSYLATED COBALT(III)-PEPLEOMYCIN WITH DNA, NMR, MINIMIZED AVERAGE STRUCTURE' 
_struct.pdbx_model_details        ? 
_struct.pdbx_CASP_flag            ? 
_struct.pdbx_model_type_details   ? 
# 
_struct_keywords.entry_id        1AO1 
_struct_keywords.pdbx_keywords   DNA 
_struct_keywords.text            
;ANTICANCER DRUGS, DEGLYCOSYLATED PEPLEOMYCIN, BLEOMYCINS, DNA, DNA CLEAVAGE, TWO-DIMENSIONAL NMR, SOLUTION STRUCTURES, DEOXYRIBONUCLEIC ACID
;
# 
loop_
_struct_asym.id 
_struct_asym.pdbx_blank_PDB_chainid_flag 
_struct_asym.pdbx_modified 
_struct_asym.entity_id 
_struct_asym.details 
A N N 1 ? 
B N N 1 ? 
C N N 2 ? 
# 
_struct_ref.id                         1 
_struct_ref.entity_id                  1 
_struct_ref.db_name                    PDB 
_struct_ref.db_code                    1AO1 
_struct_ref.pdbx_db_accession          1AO1 
_struct_ref.pdbx_db_isoform            ? 
_struct_ref.pdbx_seq_one_letter_code   ? 
_struct_ref.pdbx_align_begin           ? 
# 
loop_
_struct_ref_seq.align_id 
_struct_ref_seq.ref_id 
_struct_ref_seq.pdbx_PDB_id_code 
_struct_ref_seq.pdbx_strand_id 
_struct_ref_seq.seq_align_beg 
_struct_ref_seq.pdbx_seq_align_beg_ins_code 
_struct_ref_seq.seq_align_end 
_struct_ref_seq.pdbx_seq_align_end_ins_code 
_struct_ref_seq.pdbx_db_accession 
_struct_ref_seq.db_align_beg 
_struct_ref_seq.pdbx_db_align_beg_ins_code 
_struct_ref_seq.db_align_end 
_struct_ref_seq.pdbx_db_align_end_ins_code 
_struct_ref_seq.pdbx_auth_seq_align_beg 
_struct_ref_seq.pdbx_auth_seq_align_end 
1 1 1AO1 A 1 ? 6 ? 1AO1 1 ? 6  ? 1 6  
2 1 1AO1 B 1 ? 6 ? 1AO1 7 ? 12 ? 7 12 
# 
_pdbx_struct_assembly.id                   1 
_pdbx_struct_assembly.details              author_defined_assembly 
_pdbx_struct_assembly.method_details       ? 
_pdbx_struct_assembly.oligomeric_details   dimeric 
_pdbx_struct_assembly.oligomeric_count     2 
# 
_pdbx_struct_assembly_gen.assembly_id       1 
_pdbx_struct_assembly_gen.oper_expression   1 
_pdbx_struct_assembly_gen.asym_id_list      A,B,C 
# 
_pdbx_struct_oper_list.id                   1 
_pdbx_struct_oper_list.type                 'identity operation' 
_pdbx_struct_oper_list.name                 1_555 
_pdbx_struct_oper_list.symmetry_operation   x,y,z 
_pdbx_struct_oper_list.matrix[1][1]         1.0000000000 
_pdbx_struct_oper_list.matrix[1][2]         0.0000000000 
_pdbx_struct_oper_list.matrix[1][3]         0.0000000000 
_pdbx_struct_oper_list.vector[1]            0.0000000000 
_pdbx_struct_oper_list.matrix[2][1]         0.0000000000 
_pdbx_struct_oper_list.matrix[2][2]         1.0000000000 
_pdbx_struct_oper_list.matrix[2][3]         0.0000000000 
_pdbx_struct_oper_list.vector[2]            0.0000000000 
_pdbx_struct_oper_list.matrix[3][1]         0.0000000000 
_pdbx_struct_oper_list.matrix[3][2]         0.0000000000 
_pdbx_struct_oper_list.matrix[3][3]         1.0000000000 
_pdbx_struct_oper_list.vector[3]            0.0000000000 
# 
_struct_biol.id   1 
# 
loop_
_struct_conn.id 
_struct_conn.conn_type_id 
_struct_conn.pdbx_leaving_atom_flag 
_struct_conn.pdbx_PDB_id 
_struct_conn.ptnr1_label_asym_id 
_struct_conn.ptnr1_label_comp_id 
_struct_conn.ptnr1_label_seq_id 
_struct_conn.ptnr1_label_atom_id 
_struct_conn.pdbx_ptnr1_label_alt_id 
_struct_conn.pdbx_ptnr1_PDB_ins_code 
_struct_conn.pdbx_ptnr1_standard_comp_id 
_struct_conn.ptnr1_symmetry 
_struct_conn.ptnr2_label_asym_id 
_struct_conn.ptnr2_label_comp_id 
_struct_conn.ptnr2_label_seq_id 
_struct_conn.ptnr2_label_atom_id 
_struct_conn.pdbx_ptnr2_label_alt_id 
_struct_conn.pdbx_ptnr2_PDB_ins_code 
_struct_conn.ptnr1_auth_asym_id 
_struct_conn.ptnr1_auth_comp_id 
_struct_conn.ptnr1_auth_seq_id 
_struct_conn.ptnr2_auth_asym_id 
_struct_conn.ptnr2_auth_comp_id 
_struct_conn.ptnr2_auth_seq_id 
_struct_conn.ptnr2_symmetry 
_struct_conn.pdbx_ptnr3_label_atom_id 
_struct_conn.pdbx_ptnr3_label_seq_id 
_struct_conn.pdbx_ptnr3_label_comp_id 
_struct_conn.pdbx_ptnr3_label_asym_id 
_struct_conn.pdbx_ptnr3_label_alt_id 
_struct_conn.pdbx_ptnr3_PDB_ins_code 
_struct_conn.details 
_struct_conn.pdbx_dist_value 
_struct_conn.pdbx_value_order 
_struct_conn.pdbx_role 
hydrog1  hydrog ? ? A DC 1 N3 ? ? ? 1_555 B DG 6 N1 ? ? A DC 1 B DG 12 1_555 ? ? ? ? ? ? WATSON-CRICK ? ? ? 
hydrog2  hydrog ? ? A DC 1 N4 ? ? ? 1_555 B DG 6 O6 ? ? A DC 1 B DG 12 1_555 ? ? ? ? ? ? WATSON-CRICK ? ? ? 
hydrog3  hydrog ? ? A DC 1 O2 ? ? ? 1_555 B DG 6 N2 ? ? A DC 1 B DG 12 1_555 ? ? ? ? ? ? WATSON-CRICK ? ? ? 
hydrog4  hydrog ? ? A DG 2 N1 ? ? ? 1_555 B DC 5 N3 ? ? A DG 2 B DC 11 1_555 ? ? ? ? ? ? WATSON-CRICK ? ? ? 
hydrog5  hydrog ? ? A DG 2 N2 ? ? ? 1_555 B DC 5 O2 ? ? A DG 2 B DC 11 1_555 ? ? ? ? ? ? WATSON-CRICK ? ? ? 
hydrog6  hydrog ? ? A DG 2 O6 ? ? ? 1_555 B DC 5 N4 ? ? A DG 2 B DC 11 1_555 ? ? ? ? ? ? WATSON-CRICK ? ? ? 
hydrog7  hydrog ? ? A DT 3 N3 ? ? ? 1_555 B DA 4 N1 ? ? A DT 3 B DA 10 1_555 ? ? ? ? ? ? WATSON-CRICK ? ? ? 
hydrog8  hydrog ? ? A DT 3 O4 ? ? ? 1_555 B DA 4 N6 ? ? A DT 3 B DA 10 1_555 ? ? ? ? ? ? WATSON-CRICK ? ? ? 
hydrog9  hydrog ? ? A DA 4 N1 ? ? ? 1_555 B DT 3 N3 ? ? A DA 4 B DT 9  1_555 ? ? ? ? ? ? WATSON-CRICK ? ? ? 
hydrog10 hydrog ? ? A DA 4 N6 ? ? ? 1_555 B DT 3 O4 ? ? A DA 4 B DT 9  1_555 ? ? ? ? ? ? WATSON-CRICK ? ? ? 
hydrog11 hydrog ? ? A DC 5 N3 ? ? ? 1_555 B DG 2 N1 ? ? A DC 5 B DG 8  1_555 ? ? ? ? ? ? WATSON-CRICK ? ? ? 
hydrog12 hydrog ? ? A DC 5 N4 ? ? ? 1_555 B DG 2 O6 ? ? A DC 5 B DG 8  1_555 ? ? ? ? ? ? WATSON-CRICK ? ? ? 
hydrog13 hydrog ? ? A DC 5 O2 ? ? ? 1_555 B DG 2 N2 ? ? A DC 5 B DG 8  1_555 ? ? ? ? ? ? WATSON-CRICK ? ? ? 
hydrog14 hydrog ? ? A DG 6 N1 ? ? ? 1_555 B DC 1 N3 ? ? A DG 6 B DC 7  1_555 ? ? ? ? ? ? WATSON-CRICK ? ? ? 
hydrog15 hydrog ? ? A DG 6 N2 ? ? ? 1_555 B DC 1 O2 ? ? A DG 6 B DC 7  1_555 ? ? ? ? ? ? WATSON-CRICK ? ? ? 
hydrog16 hydrog ? ? A DG 6 O6 ? ? ? 1_555 B DC 1 N4 ? ? A DG 6 B DC 7  1_555 ? ? ? ? ? ? WATSON-CRICK ? ? ? 
# 
_struct_conn_type.id          hydrog 
_struct_conn_type.criteria    ? 
_struct_conn_type.reference   ? 
# 
_struct_site.id                   AC1 
_struct_site.pdbx_evidence_code   Software 
_struct_site.pdbx_auth_asym_id    B 
_struct_site.pdbx_auth_comp_id    PL1 
_struct_site.pdbx_auth_seq_id     13 
_struct_site.pdbx_auth_ins_code   ? 
_struct_site.pdbx_num_residues    8 
_struct_site.details              'BINDING SITE FOR RESIDUE PL1 B 13' 
# 
loop_
_struct_site_gen.id 
_struct_site_gen.site_id 
_struct_site_gen.pdbx_num_res 
_struct_site_gen.label_comp_id 
_struct_site_gen.label_asym_id 
_struct_site_gen.label_seq_id 
_struct_site_gen.pdbx_auth_ins_code 
_struct_site_gen.auth_comp_id 
_struct_site_gen.auth_asym_id 
_struct_site_gen.auth_seq_id 
_struct_site_gen.label_atom_id 
_struct_site_gen.label_alt_id 
_struct_site_gen.symmetry 
_struct_site_gen.details 
1 AC1 8 DT A 3 ? DT A 3  . ? 1_555 ? 
2 AC1 8 DA A 4 ? DA A 4  . ? 1_555 ? 
3 AC1 8 DC A 5 ? DC A 5  . ? 1_555 ? 
4 AC1 8 DG A 6 ? DG A 6  . ? 1_555 ? 
5 AC1 8 DG B 2 ? DG B 8  . ? 1_555 ? 
6 AC1 8 DT B 3 ? DT B 9  . ? 1_555 ? 
7 AC1 8 DA B 4 ? DA B 10 . ? 1_555 ? 
8 AC1 8 DC B 5 ? DC B 11 . ? 1_555 ? 
# 
loop_
_pdbx_validate_close_contact.id 
_pdbx_validate_close_contact.PDB_model_num 
_pdbx_validate_close_contact.auth_atom_id_1 
_pdbx_validate_close_contact.auth_asym_id_1 
_pdbx_validate_close_contact.auth_comp_id_1 
_pdbx_validate_close_contact.auth_seq_id_1 
_pdbx_validate_close_contact.PDB_ins_code_1 
_pdbx_validate_close_contact.label_alt_id_1 
_pdbx_validate_close_contact.auth_atom_id_2 
_pdbx_validate_close_contact.auth_asym_id_2 
_pdbx_validate_close_contact.auth_comp_id_2 
_pdbx_validate_close_contact.auth_seq_id_2 
_pdbx_validate_close_contact.PDB_ins_code_2 
_pdbx_validate_close_contact.label_alt_id_2 
_pdbx_validate_close_contact.dist 
1 1 "H1'"  A DG 6  ? ? O4  B PL1 13 ? ? 1.49 
2 1 "HO3'" A DG 6  ? ? O4  B PL1 13 ? ? 1.56 
3 1 N3     B DG 8  ? ? HF2 B PL1 13 ? ? 1.58 
4 1 "O5'"  B DA 10 ? ? HO2 B PL1 13 ? ? 1.60 
# 
loop_
_pdbx_validate_rmsd_bond.id 
_pdbx_validate_rmsd_bond.PDB_model_num 
_pdbx_validate_rmsd_bond.auth_atom_id_1 
_pdbx_validate_rmsd_bond.auth_asym_id_1 
_pdbx_validate_rmsd_bond.auth_comp_id_1 
_pdbx_validate_rmsd_bond.auth_seq_id_1 
_pdbx_validate_rmsd_bond.PDB_ins_code_1 
_pdbx_validate_rmsd_bond.label_alt_id_1 
_pdbx_validate_rmsd_bond.auth_atom_id_2 
_pdbx_validate_rmsd_bond.auth_asym_id_2 
_pdbx_validate_rmsd_bond.auth_comp_id_2 
_pdbx_validate_rmsd_bond.auth_seq_id_2 
_pdbx_validate_rmsd_bond.PDB_ins_code_2 
_pdbx_validate_rmsd_bond.label_alt_id_2 
_pdbx_validate_rmsd_bond.bond_value 
_pdbx_validate_rmsd_bond.bond_target_value 
_pdbx_validate_rmsd_bond.bond_deviation 
_pdbx_validate_rmsd_bond.bond_standard_deviation 
_pdbx_validate_rmsd_bond.linker_flag 
1 1 C5    A DT 3  ? ? C7    A DT 3  ? ? 1.544 1.496 0.048 0.006 N 
2 1 "C5'" B DA 10 ? ? "C4'" B DA 10 ? ? 1.567 1.512 0.055 0.007 N 
# 
loop_
_pdbx_validate_rmsd_angle.id 
_pdbx_validate_rmsd_angle.PDB_model_num 
_pdbx_validate_rmsd_angle.auth_atom_id_1 
_pdbx_validate_rmsd_angle.auth_asym_id_1 
_pdbx_validate_rmsd_angle.auth_comp_id_1 
_pdbx_validate_rmsd_angle.auth_seq_id_1 
_pdbx_validate_rmsd_angle.PDB_ins_code_1 
_pdbx_validate_rmsd_angle.label_alt_id_1 
_pdbx_validate_rmsd_angle.auth_atom_id_2 
_pdbx_validate_rmsd_angle.auth_asym_id_2 
_pdbx_validate_rmsd_angle.auth_comp_id_2 
_pdbx_validate_rmsd_angle.auth_seq_id_2 
_pdbx_validate_rmsd_angle.PDB_ins_code_2 
_pdbx_validate_rmsd_angle.label_alt_id_2 
_pdbx_validate_rmsd_angle.auth_atom_id_3 
_pdbx_validate_rmsd_angle.auth_asym_id_3 
_pdbx_validate_rmsd_angle.auth_comp_id_3 
_pdbx_validate_rmsd_angle.auth_seq_id_3 
_pdbx_validate_rmsd_angle.PDB_ins_code_3 
_pdbx_validate_rmsd_angle.label_alt_id_3 
_pdbx_validate_rmsd_angle.angle_value 
_pdbx_validate_rmsd_angle.angle_target_value 
_pdbx_validate_rmsd_angle.angle_deviation 
_pdbx_validate_rmsd_angle.angle_standard_deviation 
_pdbx_validate_rmsd_angle.linker_flag 
1  1 "O4'" A DG 2  ? ? "C1'" A DG 2  ? ? N9    A DG 2  ? ? 110.62 108.30 2.32   0.30 N 
2  1 "O4'" A DT 3  ? ? "C1'" A DT 3  ? ? N1    A DT 3  ? ? 112.12 108.30 3.82   0.30 N 
3  1 "O4'" A DA 4  ? ? "C1'" A DA 4  ? ? N9    A DA 4  ? ? 110.73 108.30 2.43   0.30 N 
4  1 "O4'" A DG 6  ? ? "C1'" A DG 6  ? ? N9    A DG 6  ? ? 110.46 108.30 2.16   0.30 N 
5  1 "C4'" B DG 8  ? ? "C3'" B DG 8  ? ? "C2'" B DG 8  ? ? 95.81  102.20 -6.39  0.70 N 
6  1 "O4'" B DG 8  ? ? "C1'" B DG 8  ? ? "C2'" B DG 8  ? ? 95.39  105.90 -10.51 0.80 N 
7  1 "O4'" B DG 8  ? ? "C1'" B DG 8  ? ? N9    B DG 8  ? ? 110.64 108.30 2.34   0.30 N 
8  1 C8    B DG 8  ? ? N9    B DG 8  ? ? C4    B DG 8  ? ? 103.21 106.40 -3.19  0.40 N 
9  1 N1    B DT 9  ? ? "C1'" B DT 9  ? ? "C2'" B DT 9  ? ? 91.24  112.60 -21.36 1.90 N 
10 1 "O4'" B DT 9  ? ? "C1'" B DT 9  ? ? N1    B DT 9  ? ? 123.18 108.30 14.88  0.30 N 
11 1 "C3'" B DT 9  ? ? "O3'" B DT 9  ? ? P     B DA 10 ? ? 111.92 119.70 -7.78  1.20 Y 
12 1 "C5'" B DA 10 ? ? "C4'" B DA 10 ? ? "O4'" B DA 10 ? ? 117.72 109.80 7.92   1.10 N 
13 1 "C1'" B DA 10 ? ? "O4'" B DA 10 ? ? "C4'" B DA 10 ? ? 114.91 110.30 4.61   0.70 N 
14 1 "O4'" B DA 10 ? ? "C1'" B DA 10 ? ? N9    B DA 10 ? ? 103.62 108.00 -4.38  0.70 N 
15 1 "C3'" B DA 10 ? ? "O3'" B DA 10 ? ? P     B DC 11 ? ? 128.82 119.70 9.12   1.20 Y 
16 1 "C1'" B DC 11 ? ? "O4'" B DC 11 ? ? "C4'" B DC 11 ? ? 103.52 110.10 -6.58  1.00 N 
17 1 "O4'" B DC 11 ? ? "C1'" B DC 11 ? ? N1    B DC 11 ? ? 111.40 108.30 3.10   0.30 N 
# 
loop_
_pdbx_validate_planes.id 
_pdbx_validate_planes.PDB_model_num 
_pdbx_validate_planes.auth_comp_id 
_pdbx_validate_planes.auth_asym_id 
_pdbx_validate_planes.auth_seq_id 
_pdbx_validate_planes.PDB_ins_code 
_pdbx_validate_planes.label_alt_id 
_pdbx_validate_planes.rmsd 
_pdbx_validate_planes.type 
1 1 DC A 1  ? ? 0.072 'SIDE CHAIN' 
2 1 DG A 2  ? ? 0.091 'SIDE CHAIN' 
3 1 DG A 6  ? ? 0.053 'SIDE CHAIN' 
4 1 DT B 9  ? ? 0.065 'SIDE CHAIN' 
5 1 DC B 11 ? ? 0.066 'SIDE CHAIN' 
6 1 DG B 12 ? ? 0.084 'SIDE CHAIN' 
# 
_pdbx_nmr_ensemble.entry_id                             1AO1 
_pdbx_nmr_ensemble.conformers_calculated_total_number   1 
_pdbx_nmr_ensemble.conformers_submitted_total_number    1 
_pdbx_nmr_ensemble.conformer_selection_criteria         'MINIMIZED AVERAGE' 
# 
_pdbx_nmr_exptl_sample_conditions.conditions_id       1 
_pdbx_nmr_exptl_sample_conditions.temperature         275 
_pdbx_nmr_exptl_sample_conditions.pressure            ? 
_pdbx_nmr_exptl_sample_conditions.pH                  6.9 
_pdbx_nmr_exptl_sample_conditions.ionic_strength      ? 
_pdbx_nmr_exptl_sample_conditions.pressure_units      . 
_pdbx_nmr_exptl_sample_conditions.temperature_units   K 
# 
loop_
_pdbx_nmr_exptl.experiment_id 
_pdbx_nmr_exptl.conditions_id 
_pdbx_nmr_exptl.type 
_pdbx_nmr_exptl.solution_id 
1 1 NOESY 1 
2 1 TOCSY 1 
# 
_pdbx_nmr_refine.entry_id           1AO1 
_pdbx_nmr_refine.method             NOE-RMD 
_pdbx_nmr_refine.details            'REFINEMENT DETAILS CAN BE FOUND IN THE JRNL CITATION ABOVE.' 
_pdbx_nmr_refine.software_ordinal   1 
# 
loop_
_pdbx_nmr_software.classification 
_pdbx_nmr_software.name 
_pdbx_nmr_software.version 
_pdbx_nmr_software.authors 
_pdbx_nmr_software.ordinal 
refinement           X-PLOR  ? BRUNGER 1 
'structure solution' X-PLOR  ? ?       2 
'structure solution' SPEDREF ? ?       3 
# 
loop_
_chem_comp_atom.comp_id 
_chem_comp_atom.atom_id 
_chem_comp_atom.type_symbol 
_chem_comp_atom.pdbx_aromatic_flag 
_chem_comp_atom.pdbx_stereo_config 
_chem_comp_atom.pdbx_ordinal 
DA  OP3    O  N N 1   
DA  P      P  N N 2   
DA  OP1    O  N N 3   
DA  OP2    O  N N 4   
DA  "O5'"  O  N N 5   
DA  "C5'"  C  N N 6   
DA  "C4'"  C  N R 7   
DA  "O4'"  O  N N 8   
DA  "C3'"  C  N S 9   
DA  "O3'"  O  N N 10  
DA  "C2'"  C  N N 11  
DA  "C1'"  C  N R 12  
DA  N9     N  Y N 13  
DA  C8     C  Y N 14  
DA  N7     N  Y N 15  
DA  C5     C  Y N 16  
DA  C6     C  Y N 17  
DA  N6     N  N N 18  
DA  N1     N  Y N 19  
DA  C2     C  Y N 20  
DA  N3     N  Y N 21  
DA  C4     C  Y N 22  
DA  HOP3   H  N N 23  
DA  HOP2   H  N N 24  
DA  "H5'"  H  N N 25  
DA  "H5''" H  N N 26  
DA  "H4'"  H  N N 27  
DA  "H3'"  H  N N 28  
DA  "HO3'" H  N N 29  
DA  "H2'"  H  N N 30  
DA  "H2''" H  N N 31  
DA  "H1'"  H  N N 32  
DA  H8     H  N N 33  
DA  H61    H  N N 34  
DA  H62    H  N N 35  
DA  H2     H  N N 36  
DC  OP3    O  N N 37  
DC  P      P  N N 38  
DC  OP1    O  N N 39  
DC  OP2    O  N N 40  
DC  "O5'"  O  N N 41  
DC  "C5'"  C  N N 42  
DC  "C4'"  C  N R 43  
DC  "O4'"  O  N N 44  
DC  "C3'"  C  N S 45  
DC  "O3'"  O  N N 46  
DC  "C2'"  C  N N 47  
DC  "C1'"  C  N R 48  
DC  N1     N  N N 49  
DC  C2     C  N N 50  
DC  O2     O  N N 51  
DC  N3     N  N N 52  
DC  C4     C  N N 53  
DC  N4     N  N N 54  
DC  C5     C  N N 55  
DC  C6     C  N N 56  
DC  HOP3   H  N N 57  
DC  HOP2   H  N N 58  
DC  "H5'"  H  N N 59  
DC  "H5''" H  N N 60  
DC  "H4'"  H  N N 61  
DC  "H3'"  H  N N 62  
DC  "HO3'" H  N N 63  
DC  "H2'"  H  N N 64  
DC  "H2''" H  N N 65  
DC  "H1'"  H  N N 66  
DC  H41    H  N N 67  
DC  H42    H  N N 68  
DC  H5     H  N N 69  
DC  H6     H  N N 70  
DG  OP3    O  N N 71  
DG  P      P  N N 72  
DG  OP1    O  N N 73  
DG  OP2    O  N N 74  
DG  "O5'"  O  N N 75  
DG  "C5'"  C  N N 76  
DG  "C4'"  C  N R 77  
DG  "O4'"  O  N N 78  
DG  "C3'"  C  N S 79  
DG  "O3'"  O  N N 80  
DG  "C2'"  C  N N 81  
DG  "C1'"  C  N R 82  
DG  N9     N  Y N 83  
DG  C8     C  Y N 84  
DG  N7     N  Y N 85  
DG  C5     C  Y N 86  
DG  C6     C  N N 87  
DG  O6     O  N N 88  
DG  N1     N  N N 89  
DG  C2     C  N N 90  
DG  N2     N  N N 91  
DG  N3     N  N N 92  
DG  C4     C  Y N 93  
DG  HOP3   H  N N 94  
DG  HOP2   H  N N 95  
DG  "H5'"  H  N N 96  
DG  "H5''" H  N N 97  
DG  "H4'"  H  N N 98  
DG  "H3'"  H  N N 99  
DG  "HO3'" H  N N 100 
DG  "H2'"  H  N N 101 
DG  "H2''" H  N N 102 
DG  "H1'"  H  N N 103 
DG  H8     H  N N 104 
DG  H1     H  N N 105 
DG  H21    H  N N 106 
DG  H22    H  N N 107 
DT  OP3    O  N N 108 
DT  P      P  N N 109 
DT  OP1    O  N N 110 
DT  OP2    O  N N 111 
DT  "O5'"  O  N N 112 
DT  "C5'"  C  N N 113 
DT  "C4'"  C  N R 114 
DT  "O4'"  O  N N 115 
DT  "C3'"  C  N S 116 
DT  "O3'"  O  N N 117 
DT  "C2'"  C  N N 118 
DT  "C1'"  C  N R 119 
DT  N1     N  N N 120 
DT  C2     C  N N 121 
DT  O2     O  N N 122 
DT  N3     N  N N 123 
DT  C4     C  N N 124 
DT  O4     O  N N 125 
DT  C5     C  N N 126 
DT  C7     C  N N 127 
DT  C6     C  N N 128 
DT  HOP3   H  N N 129 
DT  HOP2   H  N N 130 
DT  "H5'"  H  N N 131 
DT  "H5''" H  N N 132 
DT  "H4'"  H  N N 133 
DT  "H3'"  H  N N 134 
DT  "HO3'" H  N N 135 
DT  "H2'"  H  N N 136 
DT  "H2''" H  N N 137 
DT  "H1'"  H  N N 138 
DT  H3     H  N N 139 
DT  H71    H  N N 140 
DT  H72    H  N N 141 
DT  H73    H  N N 142 
DT  H6     H  N N 143 
PL1 C1     C  N N 144 
PL1 C10    C  Y N 145 
PL1 C12    C  N N 146 
PL1 C13    C  N S 147 
PL1 C14    C  N R 148 
PL1 C2     C  N S 149 
PL1 C27    C  Y N 150 
PL1 C28    C  Y N 151 
PL1 C29    C  Y N 152 
PL1 C3     C  N N 153 
PL1 C30    C  N N 154 
PL1 C31    C  N R 155 
PL1 C33    C  N S 156 
PL1 C34    C  N S 157 
PL1 C36    C  N N 158 
PL1 C37    C  N S 159 
PL1 C38    C  N R 160 
PL1 C4     C  N N 161 
PL1 C40    C  N N 162 
PL1 C41    C  N N 163 
PL1 C42    C  N N 164 
PL1 C43    C  Y N 165 
PL1 C44    C  Y N 166 
PL1 C45    C  Y N 167 
PL1 C46    C  Y N 168 
PL1 C47    C  Y N 169 
PL1 C48    C  Y N 170 
PL1 C49    C  N N 171 
PL1 C5     C  N N 172 
PL1 C51    C  N N 173 
PL1 C52    C  N N 174 
PL1 C53    C  N N 175 
PL1 C54    C  N S 176 
PL1 C56    C  Y N 177 
PL1 C57    C  Y N 178 
PL1 C58    C  Y N 179 
PL1 C59    C  Y N 180 
PL1 C6     C  N S 181 
PL1 C60    C  Y N 182 
PL1 C61    C  Y N 183 
PL1 C7     C  Y N 184 
PL1 C8     C  Y N 185 
PL1 C9     C  Y N 186 
PL1 CA     C  N N 187 
PL1 CB     C  N N 188 
PL1 CC     C  N N 189 
PL1 CD     C  N N 190 
PL1 CE     C  N N 191 
PL1 NA     N  N N 192 
PL1 NB     N  N N 193 
PL1 NC     N  N N 194 
PL1 ND     N  N N 195 
PL1 NE     N  Y N 196 
PL1 NF     N  N N 197 
PL1 NG     N  Y N 198 
PL1 NH     N  N N 199 
PL1 NI     N  Y N 200 
PL1 NJ     N  Y N 201 
PL1 NK     N  N N 202 
PL1 NL     N  N N 203 
PL1 NM     N  N N 204 
PL1 NN     N  Y N 205 
PL1 NO     N  Y N 206 
PL1 NP     N  N N 207 
PL1 NQ     N  N N 208 
PL1 O1     O  N N 209 
PL1 O12    O  N N 210 
PL1 O1P    O  N N 211 
PL1 O2P    O  N N 212 
PL1 O30    O  N N 213 
PL1 O36    O  N N 214 
PL1 O4     O  N N 215 
PL1 O40    O  N N 216 
PL1 O49    O  N N 217 
PL1 OH1    O  N N 218 
PL1 OH2    O  N N 219 
PL1 OH3    O  N N 220 
PL1 S43    S  Y N 221 
PL1 S46    S  Y N 222 
PL1 CO     CO N N 223 
PL1 H13    H  N N 224 
PL1 H14    H  N N 225 
PL1 H2     H  N N 226 
PL1 H28    H  N N 227 
PL1 H29    H  N N 228 
PL1 H3E    H  N N 229 
PL1 H3X    H  N N 230 
PL1 H31    H  N N 231 
PL1 H33    H  N N 232 
PL1 H34    H  N N 233 
PL1 H37    H  N N 234 
PL1 H38    H  N N 235 
PL1 H1E    H  N N 236 
PL1 H1X    H  N N 237 
PL1 H2E    H  N N 238 
PL1 H2X    H  N N 239 
PL1 H44    H  N N 240 
PL1 H47    H  N N 241 
PL1 H5E    H  N N 242 
PL1 H5X    H  N N 243 
PL1 H6E    H  N N 244 
PL1 H6X    H  N N 245 
PL1 H7E    H  N N 246 
PL1 H7X    H  N N 247 
PL1 H8E    H  N N 248 
PL1 H8X    H  N N 249 
PL1 H54    H  N N 250 
PL1 H57    H  N N 251 
PL1 H58    H  N N 252 
PL1 H59    H  N N 253 
PL1 H6     H  N N 254 
PL1 H60    H  N N 255 
PL1 H61    H  N N 256 
PL1 HAA    H  N N 257 
PL1 HAB    H  N N 258 
PL1 HAC    H  N N 259 
PL1 HBA    H  N N 260 
PL1 HBB    H  N N 261 
PL1 HBC    H  N N 262 
PL1 HCA    H  N N 263 
PL1 HCB    H  N N 264 
PL1 HCC    H  N N 265 
PL1 HDA    H  N N 266 
PL1 HDB    H  N N 267 
PL1 HDC    H  N N 268 
PL1 HEA    H  N N 269 
PL1 HEB    H  N N 270 
PL1 HEC    H  N N 271 
PL1 HA1    H  N N 272 
PL1 HA2    H  N N 273 
PL1 HB1    H  N N 274 
PL1 HB2    H  N N 275 
PL1 HNC    H  N N 276 
PL1 HD1    H  N N 277 
PL1 HD2    H  N N 278 
PL1 HF1    H  N N 279 
PL1 HF2    H  N N 280 
PL1 HNH    H  N N 281 
PL1 HNI    H  N N 282 
PL1 HNK    H  N N 283 
PL1 HNL    H  N N 284 
PL1 HNM    H  N N 285 
PL1 HNP    H  N N 286 
PL1 HNQ    H  N N 287 
PL1 H2P    H  N N 288 
PL1 HO1    H  N N 289 
PL1 HO2    H  N N 290 
PL1 HO3    H  N N 291 
# 
loop_
_chem_comp_bond.comp_id 
_chem_comp_bond.atom_id_1 
_chem_comp_bond.atom_id_2 
_chem_comp_bond.value_order 
_chem_comp_bond.pdbx_aromatic_flag 
_chem_comp_bond.pdbx_stereo_config 
_chem_comp_bond.pdbx_ordinal 
DA  OP3   P      sing N N 1   
DA  OP3   HOP3   sing N N 2   
DA  P     OP1    doub N N 3   
DA  P     OP2    sing N N 4   
DA  P     "O5'"  sing N N 5   
DA  OP2   HOP2   sing N N 6   
DA  "O5'" "C5'"  sing N N 7   
DA  "C5'" "C4'"  sing N N 8   
DA  "C5'" "H5'"  sing N N 9   
DA  "C5'" "H5''" sing N N 10  
DA  "C4'" "O4'"  sing N N 11  
DA  "C4'" "C3'"  sing N N 12  
DA  "C4'" "H4'"  sing N N 13  
DA  "O4'" "C1'"  sing N N 14  
DA  "C3'" "O3'"  sing N N 15  
DA  "C3'" "C2'"  sing N N 16  
DA  "C3'" "H3'"  sing N N 17  
DA  "O3'" "HO3'" sing N N 18  
DA  "C2'" "C1'"  sing N N 19  
DA  "C2'" "H2'"  sing N N 20  
DA  "C2'" "H2''" sing N N 21  
DA  "C1'" N9     sing N N 22  
DA  "C1'" "H1'"  sing N N 23  
DA  N9    C8     sing Y N 24  
DA  N9    C4     sing Y N 25  
DA  C8    N7     doub Y N 26  
DA  C8    H8     sing N N 27  
DA  N7    C5     sing Y N 28  
DA  C5    C6     sing Y N 29  
DA  C5    C4     doub Y N 30  
DA  C6    N6     sing N N 31  
DA  C6    N1     doub Y N 32  
DA  N6    H61    sing N N 33  
DA  N6    H62    sing N N 34  
DA  N1    C2     sing Y N 35  
DA  C2    N3     doub Y N 36  
DA  C2    H2     sing N N 37  
DA  N3    C4     sing Y N 38  
DC  OP3   P      sing N N 39  
DC  OP3   HOP3   sing N N 40  
DC  P     OP1    doub N N 41  
DC  P     OP2    sing N N 42  
DC  P     "O5'"  sing N N 43  
DC  OP2   HOP2   sing N N 44  
DC  "O5'" "C5'"  sing N N 45  
DC  "C5'" "C4'"  sing N N 46  
DC  "C5'" "H5'"  sing N N 47  
DC  "C5'" "H5''" sing N N 48  
DC  "C4'" "O4'"  sing N N 49  
DC  "C4'" "C3'"  sing N N 50  
DC  "C4'" "H4'"  sing N N 51  
DC  "O4'" "C1'"  sing N N 52  
DC  "C3'" "O3'"  sing N N 53  
DC  "C3'" "C2'"  sing N N 54  
DC  "C3'" "H3'"  sing N N 55  
DC  "O3'" "HO3'" sing N N 56  
DC  "C2'" "C1'"  sing N N 57  
DC  "C2'" "H2'"  sing N N 58  
DC  "C2'" "H2''" sing N N 59  
DC  "C1'" N1     sing N N 60  
DC  "C1'" "H1'"  sing N N 61  
DC  N1    C2     sing N N 62  
DC  N1    C6     sing N N 63  
DC  C2    O2     doub N N 64  
DC  C2    N3     sing N N 65  
DC  N3    C4     doub N N 66  
DC  C4    N4     sing N N 67  
DC  C4    C5     sing N N 68  
DC  N4    H41    sing N N 69  
DC  N4    H42    sing N N 70  
DC  C5    C6     doub N N 71  
DC  C5    H5     sing N N 72  
DC  C6    H6     sing N N 73  
DG  OP3   P      sing N N 74  
DG  OP3   HOP3   sing N N 75  
DG  P     OP1    doub N N 76  
DG  P     OP2    sing N N 77  
DG  P     "O5'"  sing N N 78  
DG  OP2   HOP2   sing N N 79  
DG  "O5'" "C5'"  sing N N 80  
DG  "C5'" "C4'"  sing N N 81  
DG  "C5'" "H5'"  sing N N 82  
DG  "C5'" "H5''" sing N N 83  
DG  "C4'" "O4'"  sing N N 84  
DG  "C4'" "C3'"  sing N N 85  
DG  "C4'" "H4'"  sing N N 86  
DG  "O4'" "C1'"  sing N N 87  
DG  "C3'" "O3'"  sing N N 88  
DG  "C3'" "C2'"  sing N N 89  
DG  "C3'" "H3'"  sing N N 90  
DG  "O3'" "HO3'" sing N N 91  
DG  "C2'" "C1'"  sing N N 92  
DG  "C2'" "H2'"  sing N N 93  
DG  "C2'" "H2''" sing N N 94  
DG  "C1'" N9     sing N N 95  
DG  "C1'" "H1'"  sing N N 96  
DG  N9    C8     sing Y N 97  
DG  N9    C4     sing Y N 98  
DG  C8    N7     doub Y N 99  
DG  C8    H8     sing N N 100 
DG  N7    C5     sing Y N 101 
DG  C5    C6     sing N N 102 
DG  C5    C4     doub Y N 103 
DG  C6    O6     doub N N 104 
DG  C6    N1     sing N N 105 
DG  N1    C2     sing N N 106 
DG  N1    H1     sing N N 107 
DG  C2    N2     sing N N 108 
DG  C2    N3     doub N N 109 
DG  N2    H21    sing N N 110 
DG  N2    H22    sing N N 111 
DG  N3    C4     sing N N 112 
DT  OP3   P      sing N N 113 
DT  OP3   HOP3   sing N N 114 
DT  P     OP1    doub N N 115 
DT  P     OP2    sing N N 116 
DT  P     "O5'"  sing N N 117 
DT  OP2   HOP2   sing N N 118 
DT  "O5'" "C5'"  sing N N 119 
DT  "C5'" "C4'"  sing N N 120 
DT  "C5'" "H5'"  sing N N 121 
DT  "C5'" "H5''" sing N N 122 
DT  "C4'" "O4'"  sing N N 123 
DT  "C4'" "C3'"  sing N N 124 
DT  "C4'" "H4'"  sing N N 125 
DT  "O4'" "C1'"  sing N N 126 
DT  "C3'" "O3'"  sing N N 127 
DT  "C3'" "C2'"  sing N N 128 
DT  "C3'" "H3'"  sing N N 129 
DT  "O3'" "HO3'" sing N N 130 
DT  "C2'" "C1'"  sing N N 131 
DT  "C2'" "H2'"  sing N N 132 
DT  "C2'" "H2''" sing N N 133 
DT  "C1'" N1     sing N N 134 
DT  "C1'" "H1'"  sing N N 135 
DT  N1    C2     sing N N 136 
DT  N1    C6     sing N N 137 
DT  C2    O2     doub N N 138 
DT  C2    N3     sing N N 139 
DT  N3    C4     sing N N 140 
DT  N3    H3     sing N N 141 
DT  C4    O4     doub N N 142 
DT  C4    C5     sing N N 143 
DT  C5    C7     sing N N 144 
DT  C5    C6     doub N N 145 
DT  C7    H71    sing N N 146 
DT  C7    H72    sing N N 147 
DT  C7    H73    sing N N 148 
DT  C6    H6     sing N N 149 
PL1 C1    C2     sing N N 150 
PL1 C1    NA     sing N N 151 
PL1 C1    O1     doub N N 152 
PL1 C10   C12    sing N N 153 
PL1 C10   C9     sing Y N 154 
PL1 C10   NG     doub Y N 155 
PL1 C12   NH     sing N N 156 
PL1 C12   O12    doub N N 157 
PL1 C13   C14    sing N N 158 
PL1 C13   C30    sing N N 159 
PL1 C13   NH     sing N N 160 
PL1 C13   H13    sing N N 161 
PL1 C14   C27    sing N N 162 
PL1 C14   OH1    sing N N 163 
PL1 C14   H14    sing N N 164 
PL1 C2    C3     sing N N 165 
PL1 C2    NB     sing N N 166 
PL1 C2    H2     sing N N 167 
PL1 C27   C28    doub Y N 168 
PL1 C27   NJ     sing Y N 169 
PL1 C28   NI     sing Y N 170 
PL1 C28   H28    sing N N 171 
PL1 C29   NI     sing Y N 172 
PL1 C29   NJ     doub Y N 173 
PL1 C29   H29    sing N N 174 
PL1 C3    NC     sing N N 175 
PL1 C3    H3E    sing N N 176 
PL1 C3    H3X    sing N N 177 
PL1 C30   NK     sing N N 178 
PL1 C30   O30    doub N N 179 
PL1 C31   C33    sing N N 180 
PL1 C31   CB     sing N N 181 
PL1 C31   NK     sing N N 182 
PL1 C31   H31    sing N N 183 
PL1 C33   C34    sing N N 184 
PL1 C33   OH2    sing N N 185 
PL1 C33   H33    sing N N 186 
PL1 C34   C36    sing N N 187 
PL1 C34   CC     sing N N 188 
PL1 C34   H34    sing N N 189 
PL1 C36   NL     sing N N 190 
PL1 C36   O36    doub N N 191 
PL1 C37   C38    sing N N 192 
PL1 C37   C40    sing N N 193 
PL1 C37   NL     sing N N 194 
PL1 C37   H37    sing N N 195 
PL1 C38   CD     sing N N 196 
PL1 C38   OH3    sing N N 197 
PL1 C38   H38    sing N N 198 
PL1 C4    C5     sing N N 199 
PL1 C4    ND     sing N N 200 
PL1 C4    O4     doub N N 201 
PL1 C40   NM     sing N N 202 
PL1 C40   O40    doub N N 203 
PL1 C41   C42    sing N N 204 
PL1 C41   NM     sing N N 205 
PL1 C41   H1E    sing N N 206 
PL1 C41   H1X    sing N N 207 
PL1 C42   C43    sing N N 208 
PL1 C42   H2E    sing N N 209 
PL1 C42   H2X    sing N N 210 
PL1 C43   NN     doub Y N 211 
PL1 C43   S43    sing Y N 212 
PL1 C44   C45    doub Y N 213 
PL1 C44   S43    sing Y N 214 
PL1 C44   H44    sing N N 215 
PL1 C45   C46    sing Y N 216 
PL1 C45   NN     sing Y N 217 
PL1 C46   NO     doub Y N 218 
PL1 C46   S46    sing Y N 219 
PL1 C47   C48    doub Y N 220 
PL1 C47   S46    sing Y N 221 
PL1 C47   H47    sing N N 222 
PL1 C48   C49    sing N N 223 
PL1 C48   NO     sing Y N 224 
PL1 C49   NP     sing N N 225 
PL1 C49   O49    doub N N 226 
PL1 C5    C6     sing N N 227 
PL1 C5    H5E    sing N N 228 
PL1 C5    H5X    sing N N 229 
PL1 C51   C52    sing N N 230 
PL1 C51   NP     sing N N 231 
PL1 C51   H6E    sing N N 232 
PL1 C51   H6X    sing N N 233 
PL1 C52   C53    sing N N 234 
PL1 C52   H7E    sing N N 235 
PL1 C52   H7X    sing N N 236 
PL1 C53   NQ     sing N N 237 
PL1 C53   H8E    sing N N 238 
PL1 C53   H8X    sing N N 239 
PL1 C54   C56    sing N N 240 
PL1 C54   CE     sing N N 241 
PL1 C54   NQ     sing N N 242 
PL1 C54   H54    sing N N 243 
PL1 C56   C57    doub Y N 244 
PL1 C56   C61    sing Y N 245 
PL1 C57   C58    sing Y N 246 
PL1 C57   H57    sing N N 247 
PL1 C58   C59    doub Y N 248 
PL1 C58   H58    sing N N 249 
PL1 C59   C60    sing Y N 250 
PL1 C59   H59    sing N N 251 
PL1 C6    C7     sing N N 252 
PL1 C6    NC     sing N N 253 
PL1 C6    H6     sing N N 254 
PL1 C60   C61    doub Y N 255 
PL1 C60   H60    sing N N 256 
PL1 C61   H61    sing N N 257 
PL1 C7    NE     doub Y N 258 
PL1 C7    NG     sing Y N 259 
PL1 C8    C9     doub Y N 260 
PL1 C8    NE     sing Y N 261 
PL1 C8    NF     sing N N 262 
PL1 C9    CA     sing N N 263 
PL1 CA    HAA    sing N N 264 
PL1 CA    HAB    sing N N 265 
PL1 CA    HAC    sing N N 266 
PL1 CB    HBA    sing N N 267 
PL1 CB    HBB    sing N N 268 
PL1 CB    HBC    sing N N 269 
PL1 CC    HCA    sing N N 270 
PL1 CC    HCB    sing N N 271 
PL1 CC    HCC    sing N N 272 
PL1 CD    HDA    sing N N 273 
PL1 CD    HDB    sing N N 274 
PL1 CD    HDC    sing N N 275 
PL1 CE    HEA    sing N N 276 
PL1 CE    HEB    sing N N 277 
PL1 CE    HEC    sing N N 278 
PL1 NA    HA1    sing N N 279 
PL1 NA    HA2    sing N N 280 
PL1 NB    HB1    sing N N 281 
PL1 NB    HB2    sing N N 282 
PL1 NC    HNC    sing N N 283 
PL1 ND    HD1    sing N N 284 
PL1 ND    HD2    sing N N 285 
PL1 NF    HF1    sing N N 286 
PL1 NF    HF2    sing N N 287 
PL1 NG    CO     sing N N 288 
PL1 NH    HNH    sing N N 289 
PL1 NI    HNI    sing N N 290 
PL1 NK    HNK    sing N N 291 
PL1 NL    HNL    sing N N 292 
PL1 NM    HNM    sing N N 293 
PL1 NP    HNP    sing N N 294 
PL1 NQ    HNQ    sing N N 295 
PL1 O1P   O2P    sing N N 296 
PL1 O1P   CO     sing N N 297 
PL1 O2P   H2P    sing N N 298 
PL1 OH1   HO1    sing N N 299 
PL1 OH2   HO2    sing N N 300 
PL1 OH3   HO3    sing N N 301 
# 
loop_
_ndb_struct_conf_na.entry_id 
_ndb_struct_conf_na.feature 
1AO1 'double helix'        
1AO1 'b-form double helix' 
# 
loop_
_ndb_struct_na_base_pair.model_number 
_ndb_struct_na_base_pair.i_label_asym_id 
_ndb_struct_na_base_pair.i_label_comp_id 
_ndb_struct_na_base_pair.i_label_seq_id 
_ndb_struct_na_base_pair.i_symmetry 
_ndb_struct_na_base_pair.j_label_asym_id 
_ndb_struct_na_base_pair.j_label_comp_id 
_ndb_struct_na_base_pair.j_label_seq_id 
_ndb_struct_na_base_pair.j_symmetry 
_ndb_struct_na_base_pair.shear 
_ndb_struct_na_base_pair.stretch 
_ndb_struct_na_base_pair.stagger 
_ndb_struct_na_base_pair.buckle 
_ndb_struct_na_base_pair.propeller 
_ndb_struct_na_base_pair.opening 
_ndb_struct_na_base_pair.pair_number 
_ndb_struct_na_base_pair.pair_name 
_ndb_struct_na_base_pair.i_auth_asym_id 
_ndb_struct_na_base_pair.i_auth_seq_id 
_ndb_struct_na_base_pair.i_PDB_ins_code 
_ndb_struct_na_base_pair.j_auth_asym_id 
_ndb_struct_na_base_pair.j_auth_seq_id 
_ndb_struct_na_base_pair.j_PDB_ins_code 
_ndb_struct_na_base_pair.hbond_type_28 
_ndb_struct_na_base_pair.hbond_type_12 
1 A DC 1 1_555 B DG 6 1_555 0.385  -0.137 0.695  -14.911 -7.914  -0.701  1 A_DC1:DG12_B A 1 ? B 12 ? 19 1 
1 A DG 2 1_555 B DC 5 1_555 -0.316 -0.174 0.553  2.684   -11.876 -1.362  2 A_DG2:DC11_B A 2 ? B 11 ? 19 1 
1 A DT 3 1_555 B DA 4 1_555 0.353  -0.420 0.635  -3.179  -5.200  -12.195 3 A_DT3:DA10_B A 3 ? B 10 ? 20 1 
1 A DA 4 1_555 B DT 3 1_555 1.443  -0.395 0.100  -15.755 -12.617 0.383   4 A_DA4:DT9_B  A 4 ? B 9  ? 20 1 
1 A DC 5 1_555 B DG 2 1_555 0.679  -0.110 0.074  -21.043 20.010  4.537   5 A_DC5:DG8_B  A 5 ? B 8  ? 19 1 
1 A DG 6 1_555 B DC 1 1_555 0.032  0.007  -0.020 -5.230  -12.521 2.316   6 A_DG6:DC7_B  A 6 ? B 7  ? 19 1 
# 
loop_
_ndb_struct_na_base_pair_step.model_number 
_ndb_struct_na_base_pair_step.i_label_asym_id_1 
_ndb_struct_na_base_pair_step.i_label_comp_id_1 
_ndb_struct_na_base_pair_step.i_label_seq_id_1 
_ndb_struct_na_base_pair_step.i_symmetry_1 
_ndb_struct_na_base_pair_step.j_label_asym_id_1 
_ndb_struct_na_base_pair_step.j_label_comp_id_1 
_ndb_struct_na_base_pair_step.j_label_seq_id_1 
_ndb_struct_na_base_pair_step.j_symmetry_1 
_ndb_struct_na_base_pair_step.i_label_asym_id_2 
_ndb_struct_na_base_pair_step.i_label_comp_id_2 
_ndb_struct_na_base_pair_step.i_label_seq_id_2 
_ndb_struct_na_base_pair_step.i_symmetry_2 
_ndb_struct_na_base_pair_step.j_label_asym_id_2 
_ndb_struct_na_base_pair_step.j_label_comp_id_2 
_ndb_struct_na_base_pair_step.j_label_seq_id_2 
_ndb_struct_na_base_pair_step.j_symmetry_2 
_ndb_struct_na_base_pair_step.shift 
_ndb_struct_na_base_pair_step.slide 
_ndb_struct_na_base_pair_step.rise 
_ndb_struct_na_base_pair_step.tilt 
_ndb_struct_na_base_pair_step.roll 
_ndb_struct_na_base_pair_step.twist 
_ndb_struct_na_base_pair_step.x_displacement 
_ndb_struct_na_base_pair_step.y_displacement 
_ndb_struct_na_base_pair_step.helical_rise 
_ndb_struct_na_base_pair_step.inclination 
_ndb_struct_na_base_pair_step.tip 
_ndb_struct_na_base_pair_step.helical_twist 
_ndb_struct_na_base_pair_step.step_number 
_ndb_struct_na_base_pair_step.step_name 
_ndb_struct_na_base_pair_step.i_auth_asym_id_1 
_ndb_struct_na_base_pair_step.i_auth_seq_id_1 
_ndb_struct_na_base_pair_step.i_PDB_ins_code_1 
_ndb_struct_na_base_pair_step.j_auth_asym_id_1 
_ndb_struct_na_base_pair_step.j_auth_seq_id_1 
_ndb_struct_na_base_pair_step.j_PDB_ins_code_1 
_ndb_struct_na_base_pair_step.i_auth_asym_id_2 
_ndb_struct_na_base_pair_step.i_auth_seq_id_2 
_ndb_struct_na_base_pair_step.i_PDB_ins_code_2 
_ndb_struct_na_base_pair_step.j_auth_asym_id_2 
_ndb_struct_na_base_pair_step.j_auth_seq_id_2 
_ndb_struct_na_base_pair_step.j_PDB_ins_code_2 
1 A DC 1 1_555 B DG 6 1_555 A DG 2 1_555 B DC 5 1_555 0.065  0.244  2.893 0.801  -7.348  34.788 1.342  -0.004 2.786 -12.121 -1.320 
35.541 1 AA_DC1DG2:DC11DG12_BB A 1 ? B 12 ? A 2 ? B 11 ? 
1 A DG 2 1_555 B DC 5 1_555 A DT 3 1_555 B DA 4 1_555 -0.772 -0.706 3.628 -2.325 -8.080  33.864 0.224  0.885  3.736 -13.613 3.917  
34.862 2 AA_DG2DT3:DA10DC11_BB A 2 ? B 11 ? A 3 ? B 10 ? 
1 A DT 3 1_555 B DA 4 1_555 A DA 4 1_555 B DT 3 1_555 0.198  1.709  7.262 -3.288 -3.610  40.919 3.284  -1.062 7.057 -5.142  4.683  
41.197 3 AA_DT3DA4:DT9DA10_BB  A 3 ? B 10 ? A 4 ? B 9  ? 
1 A DA 4 1_555 B DT 3 1_555 A DC 5 1_555 B DG 2 1_555 0.337  -0.384 3.908 -0.450 9.177   27.242 -3.202 -0.799 3.585 18.817  0.923  
28.722 4 AA_DA4DC5:DG8DT9_BB   A 4 ? B 9  ? A 5 ? B 8  ? 
1 A DC 5 1_555 B DG 2 1_555 A DG 6 1_555 B DC 1 1_555 -1.246 1.544  3.818 -0.144 -15.234 24.581 6.631  2.466  2.465 -32.138 0.303  
28.858 5 AA_DC5DG6:DC7DG8_BB   A 5 ? B 8  ? A 6 ? B 7  ? 
# 
loop_
_pdbx_nmr_spectrometer.spectrometer_id 
_pdbx_nmr_spectrometer.model 
_pdbx_nmr_spectrometer.manufacturer 
_pdbx_nmr_spectrometer.field_strength 
1 'UNITY 750' Varian 750 
2 'VXR 500'   Varian 500 
# 
_atom_sites.entry_id                    1AO1 
_atom_sites.fract_transf_matrix[1][1]   1.000000 
_atom_sites.fract_transf_matrix[1][2]   0.000000 
_atom_sites.fract_transf_matrix[1][3]   0.000000 
_atom_sites.fract_transf_matrix[2][1]   0.000000 
_atom_sites.fract_transf_matrix[2][2]   1.000000 
_atom_sites.fract_transf_matrix[2][3]   0.000000 
_atom_sites.fract_transf_matrix[3][1]   0.000000 
_atom_sites.fract_transf_matrix[3][2]   0.000000 
_atom_sites.fract_transf_matrix[3][3]   1.000000 
_atom_sites.fract_transf_vector[1]      0.00000 
_atom_sites.fract_transf_vector[2]      0.00000 
_atom_sites.fract_transf_vector[3]      0.00000 
# 
loop_
_atom_type.symbol 
C  
CO 
H  
N  
O  
P  
S  
# 
loop_
_atom_site.group_PDB 
_atom_site.id 
_atom_site.type_symbol 
_atom_site.label_atom_id 
_atom_site.label_alt_id 
_atom_site.label_comp_id 
_atom_site.label_asym_id 
_atom_site.label_entity_id 
_atom_site.label_seq_id 
_atom_site.pdbx_PDB_ins_code 
_atom_site.Cartn_x 
_atom_site.Cartn_y 
_atom_site.Cartn_z 
_atom_site.occupancy 
_atom_site.B_iso_or_equiv 
_atom_site.pdbx_formal_charge 
_atom_site.auth_seq_id 
_atom_site.auth_comp_id 
_atom_site.auth_asym_id 
_atom_site.auth_atom_id 
_atom_site.pdbx_PDB_model_num 
ATOM   1   O  "O5'"  . DC  A 1 1 ? -2.946 21.965 6.165   1.00 0.00 ? 1  DC  A "O5'"  1 
ATOM   2   C  "C5'"  . DC  A 1 1 ? -2.158 23.088 5.763   1.00 0.00 ? 1  DC  A "C5'"  1 
ATOM   3   C  "C4'"  . DC  A 1 1 ? -1.059 22.709 4.782   1.00 0.00 ? 1  DC  A "C4'"  1 
ATOM   4   O  "O4'"  . DC  A 1 1 ? -0.142 21.824 5.434   1.00 0.00 ? 1  DC  A "O4'"  1 
ATOM   5   C  "C3'"  . DC  A 1 1 ? -1.560 22.053 3.495   1.00 0.00 ? 1  DC  A "C3'"  1 
ATOM   6   O  "O3'"  . DC  A 1 1 ? -1.122 22.840 2.386   1.00 0.00 ? 1  DC  A "O3'"  1 
ATOM   7   C  "C2'"  . DC  A 1 1 ? -0.963 20.641 3.604   1.00 0.00 ? 1  DC  A "C2'"  1 
ATOM   8   C  "C1'"  . DC  A 1 1 ? 0.251  20.781 4.542   1.00 0.00 ? 1  DC  A "C1'"  1 
ATOM   9   N  N1     . DC  A 1 1 ? 0.489  19.596 5.402   1.00 0.00 ? 1  DC  A N1     1 
ATOM   10  C  C2     . DC  A 1 1 ? 1.658  18.863 5.260   1.00 0.00 ? 1  DC  A C2     1 
ATOM   11  O  O2     . DC  A 1 1 ? 2.435  19.103 4.340   1.00 0.00 ? 1  DC  A O2     1 
ATOM   12  N  N3     . DC  A 1 1 ? 1.915  17.875 6.163   1.00 0.00 ? 1  DC  A N3     1 
ATOM   13  C  C4     . DC  A 1 1 ? 1.058  17.593 7.159   1.00 0.00 ? 1  DC  A C4     1 
ATOM   14  N  N4     . DC  A 1 1 ? 1.383  16.677 8.073   1.00 0.00 ? 1  DC  A N4     1 
ATOM   15  C  C5     . DC  A 1 1 ? -0.194 18.274 7.260   1.00 0.00 ? 1  DC  A C5     1 
ATOM   16  C  C6     . DC  A 1 1 ? -0.430 19.272 6.342   1.00 0.00 ? 1  DC  A C6     1 
ATOM   17  H  "H5'"  . DC  A 1 1 ? -1.662 23.489 6.645   1.00 0.00 ? 1  DC  A "H5'"  1 
ATOM   18  H  "H5''" . DC  A 1 1 ? -2.799 23.839 5.313   1.00 0.00 ? 1  DC  A "H5''" 1 
ATOM   19  H  "H4'"  . DC  A 1 1 ? -0.484 23.581 4.472   1.00 0.00 ? 1  DC  A "H4'"  1 
ATOM   20  H  "H3'"  . DC  A 1 1 ? -2.654 22.059 3.414   1.00 0.00 ? 1  DC  A "H3'"  1 
ATOM   21  H  "H2'"  . DC  A 1 1 ? -1.766 20.011 4.038   1.00 0.00 ? 1  DC  A "H2'"  1 
ATOM   22  H  "H2''" . DC  A 1 1 ? -0.595 20.248 2.649   1.00 0.00 ? 1  DC  A "H2''" 1 
ATOM   23  H  "H1'"  . DC  A 1 1 ? 1.192  21.066 4.061   1.00 0.00 ? 1  DC  A "H1'"  1 
ATOM   24  H  H41    . DC  A 1 1 ? 2.333  16.329 8.084   1.00 0.00 ? 1  DC  A H41    1 
ATOM   25  H  H42    . DC  A 1 1 ? 0.724  16.403 8.791   1.00 0.00 ? 1  DC  A H42    1 
ATOM   26  H  H5     . DC  A 1 1 ? -0.935 18.055 7.999   1.00 0.00 ? 1  DC  A H5     1 
ATOM   27  H  H6     . DC  A 1 1 ? -1.341 19.824 6.343   1.00 0.00 ? 1  DC  A H6     1 
ATOM   28  H  "HO5'" . DC  A 1 1 ? -2.329 21.270 6.402   1.00 0.00 ? 1  DC  A "HO5'" 1 
ATOM   29  P  P      . DG  A 1 2 ? -1.399 22.390 0.868   1.00 0.00 ? 2  DG  A P      1 
ATOM   30  O  OP1    . DG  A 1 2 ? -1.353 23.588 0.000   1.00 0.00 ? 2  DG  A OP1    1 
ATOM   31  O  OP2    . DG  A 1 2 ? -2.572 21.487 0.835   1.00 0.00 ? 2  DG  A OP2    1 
ATOM   32  O  "O5'"  . DG  A 1 2 ? -0.084 21.524 0.624   1.00 0.00 ? 2  DG  A "O5'"  1 
ATOM   33  C  "C5'"  . DG  A 1 2 ? 1.205  22.142 0.671   1.00 0.00 ? 2  DG  A "C5'"  1 
ATOM   34  C  "C4'"  . DG  A 1 2 ? 2.287  21.114 0.352   1.00 0.00 ? 2  DG  A "C4'"  1 
ATOM   35  O  "O4'"  . DG  A 1 2 ? 2.296  20.027 1.313   1.00 0.00 ? 2  DG  A "O4'"  1 
ATOM   36  C  "C3'"  . DG  A 1 2 ? 2.068  20.464 -1.038  1.00 0.00 ? 2  DG  A "C3'"  1 
ATOM   37  O  "O3'"  . DG  A 1 2 ? 3.343  20.343 -1.672  1.00 0.00 ? 2  DG  A "O3'"  1 
ATOM   38  C  "C2'"  . DG  A 1 2 ? 1.437  19.136 -0.607  1.00 0.00 ? 2  DG  A "C2'"  1 
ATOM   39  C  "C1'"  . DG  A 1 2 ? 2.210  18.756 0.637   1.00 0.00 ? 2  DG  A "C1'"  1 
ATOM   40  N  N9     . DG  A 1 2 ? 1.544  17.752 1.498   1.00 0.00 ? 2  DG  A N9     1 
ATOM   41  C  C8     . DG  A 1 2 ? 0.222  17.580 1.816   1.00 0.00 ? 2  DG  A C8     1 
ATOM   42  N  N7     . DG  A 1 2 ? 0.012  16.767 2.810   1.00 0.00 ? 2  DG  A N7     1 
ATOM   43  C  C5     . DG  A 1 2 ? 1.278  16.247 3.071   1.00 0.00 ? 2  DG  A C5     1 
ATOM   44  C  C6     . DG  A 1 2 ? 1.688  15.289 4.035   1.00 0.00 ? 2  DG  A C6     1 
ATOM   45  O  O6     . DG  A 1 2 ? 1.004  14.717 4.884   1.00 0.00 ? 2  DG  A O6     1 
ATOM   46  N  N1     . DG  A 1 2 ? 3.051  15.045 3.947   1.00 0.00 ? 2  DG  A N1     1 
ATOM   47  C  C2     . DG  A 1 2 ? 3.908  15.626 3.033   1.00 0.00 ? 2  DG  A C2     1 
ATOM   48  N  N2     . DG  A 1 2 ? 5.176  15.223 3.082   1.00 0.00 ? 2  DG  A N2     1 
ATOM   49  N  N3     . DG  A 1 2 ? 3.530  16.538 2.134   1.00 0.00 ? 2  DG  A N3     1 
ATOM   50  C  C4     . DG  A 1 2 ? 2.205  16.799 2.224   1.00 0.00 ? 2  DG  A C4     1 
ATOM   51  H  "H5'"  . DG  A 1 2 ? 1.363  22.618 1.642   1.00 0.00 ? 2  DG  A "H5'"  1 
ATOM   52  H  "H5''" . DG  A 1 2 ? 1.239  22.948 -0.055  1.00 0.00 ? 2  DG  A "H5''" 1 
ATOM   53  H  "H4'"  . DG  A 1 2 ? 3.270  21.596 0.417   1.00 0.00 ? 2  DG  A "H4'"  1 
ATOM   54  H  "H3'"  . DG  A 1 2 ? 1.456  21.025 -1.768  1.00 0.00 ? 2  DG  A "H3'"  1 
ATOM   55  H  "H2'"  . DG  A 1 2 ? 0.421  19.345 -0.240  1.00 0.00 ? 2  DG  A "H2'"  1 
ATOM   56  H  "H2''" . DG  A 1 2 ? 1.451  18.349 -1.369  1.00 0.00 ? 2  DG  A "H2''" 1 
ATOM   57  H  "H1'"  . DG  A 1 2 ? 3.218  18.394 0.425   1.00 0.00 ? 2  DG  A "H1'"  1 
ATOM   58  H  H8     . DG  A 1 2 ? -0.596 18.045 1.274   1.00 0.00 ? 2  DG  A H8     1 
ATOM   59  H  H1     . DG  A 1 2 ? 3.439  14.392 4.612   1.00 0.00 ? 2  DG  A H1     1 
ATOM   60  H  H21    . DG  A 1 2 ? 5.455  14.553 3.788   1.00 0.00 ? 2  DG  A H21    1 
ATOM   61  H  H22    . DG  A 1 2 ? 5.850  15.588 2.424   1.00 0.00 ? 2  DG  A H22    1 
ATOM   62  P  P      . DT  A 1 3 ? 3.531  19.785 -3.168  1.00 0.00 ? 3  DT  A P      1 
ATOM   63  O  OP1    . DT  A 1 3 ? 4.459  20.688 -3.886  1.00 0.00 ? 3  DT  A OP1    1 
ATOM   64  O  OP2    . DT  A 1 3 ? 2.201  19.487 -3.744  1.00 0.00 ? 3  DT  A OP2    1 
ATOM   65  O  "O5'"  . DT  A 1 3 ? 4.271  18.395 -2.863  1.00 0.00 ? 3  DT  A "O5'"  1 
ATOM   66  C  "C5'"  . DT  A 1 3 ? 5.579  18.406 -2.289  1.00 0.00 ? 3  DT  A "C5'"  1 
ATOM   67  C  "C4'"  . DT  A 1 3 ? 5.998  17.012 -1.846  1.00 0.00 ? 3  DT  A "C4'"  1 
ATOM   68  O  "O4'"  . DT  A 1 3 ? 5.074  16.451 -0.894  1.00 0.00 ? 3  DT  A "O4'"  1 
ATOM   69  C  "C3'"  . DT  A 1 3 ? 6.156  15.990 -3.001  1.00 0.00 ? 3  DT  A "C3'"  1 
ATOM   70  O  "O3'"  . DT  A 1 3 ? 7.351  15.195 -2.853  1.00 0.00 ? 3  DT  A "O3'"  1 
ATOM   71  C  "C2'"  . DT  A 1 3 ? 4.933  15.145 -2.762  1.00 0.00 ? 3  DT  A "C2'"  1 
ATOM   72  C  "C1'"  . DT  A 1 3 ? 4.888  15.078 -1.246  1.00 0.00 ? 3  DT  A "C1'"  1 
ATOM   73  N  N1     . DT  A 1 3 ? 3.684  14.500 -0.612  1.00 0.00 ? 3  DT  A N1     1 
ATOM   74  C  C2     . DT  A 1 3 ? 3.902  13.467 0.282   1.00 0.00 ? 3  DT  A C2     1 
ATOM   75  O  O2     . DT  A 1 3 ? 5.011  12.970 0.474   1.00 0.00 ? 3  DT  A O2     1 
ATOM   76  N  N3     . DT  A 1 3 ? 2.798  13.003 0.950   1.00 0.00 ? 3  DT  A N3     1 
ATOM   77  C  C4     . DT  A 1 3 ? 1.496  13.387 0.734   1.00 0.00 ? 3  DT  A C4     1 
ATOM   78  O  O4     . DT  A 1 3 ? 0.582  12.862 1.360   1.00 0.00 ? 3  DT  A O4     1 
ATOM   79  C  C5     . DT  A 1 3 ? 1.330  14.418 -0.263  1.00 0.00 ? 3  DT  A C5     1 
ATOM   80  C  C7     . DT  A 1 3 ? -0.124 14.831 -0.581  1.00 0.00 ? 3  DT  A C7     1 
ATOM   81  C  C6     . DT  A 1 3 ? 2.426  14.967 -0.872  1.00 0.00 ? 3  DT  A C6     1 
ATOM   82  H  "H5'"  . DT  A 1 3 ? 5.665  19.149 -1.483  1.00 0.00 ? 3  DT  A "H5'"  1 
ATOM   83  H  "H5''" . DT  A 1 3 ? 6.274  18.707 -3.055  1.00 0.00 ? 3  DT  A "H5''" 1 
ATOM   84  H  "H4'"  . DT  A 1 3 ? 6.923  17.084 -1.307  1.00 0.00 ? 3  DT  A "H4'"  1 
ATOM   85  H  "H3'"  . DT  A 1 3 ? 6.116  16.450 -3.990  1.00 0.00 ? 3  DT  A "H3'"  1 
ATOM   86  H  "H2'"  . DT  A 1 3 ? 4.098  15.666 -3.225  1.00 0.00 ? 3  DT  A "H2'"  1 
ATOM   87  H  "H2''" . DT  A 1 3 ? 4.984  14.161 -3.196  1.00 0.00 ? 3  DT  A "H2''" 1 
ATOM   88  H  "H1'"  . DT  A 1 3 ? 5.732  14.469 -0.893  1.00 0.00 ? 3  DT  A "H1'"  1 
ATOM   89  H  H3     . DT  A 1 3 ? 2.981  12.329 1.678   1.00 0.00 ? 3  DT  A H3     1 
ATOM   90  H  H71    . DT  A 1 3 ? -0.377 14.612 -1.617  1.00 0.00 ? 3  DT  A H71    1 
ATOM   91  H  H72    . DT  A 1 3 ? -0.313 15.876 -0.345  1.00 0.00 ? 3  DT  A H72    1 
ATOM   92  H  H73    . DT  A 1 3 ? -0.802 14.236 0.042   1.00 0.00 ? 3  DT  A H73    1 
ATOM   93  H  H6     . DT  A 1 3 ? 2.411  15.784 -1.569  1.00 0.00 ? 3  DT  A H6     1 
ATOM   94  P  P      . DA  A 1 4 ? 8.754  15.404 -3.643  1.00 0.00 ? 4  DA  A P      1 
ATOM   95  O  OP1    . DA  A 1 4 ? 9.612  16.292 -2.826  1.00 0.00 ? 4  DA  A OP1    1 
ATOM   96  O  OP2    . DA  A 1 4 ? 8.449  15.765 -5.046  1.00 0.00 ? 4  DA  A OP2    1 
ATOM   97  O  "O5'"  . DA  A 1 4 ? 9.414  13.916 -3.631  1.00 0.00 ? 4  DA  A "O5'"  1 
ATOM   98  C  "C5'"  . DA  A 1 4 ? 8.482  12.835 -3.554  1.00 0.00 ? 4  DA  A "C5'"  1 
ATOM   99  C  "C4'"  . DA  A 1 4 ? 8.949  11.401 -3.639  1.00 0.00 ? 4  DA  A "C4'"  1 
ATOM   100 O  "O4'"  . DA  A 1 4 ? 7.670  10.740 -3.577  1.00 0.00 ? 4  DA  A "O4'"  1 
ATOM   101 C  "C3'"  . DA  A 1 4 ? 9.635  10.900 -4.937  1.00 0.00 ? 4  DA  A "C3'"  1 
ATOM   102 O  "O3'"  . DA  A 1 4 ? 10.372 9.693  -4.641  1.00 0.00 ? 4  DA  A "O3'"  1 
ATOM   103 C  "C2'"  . DA  A 1 4 ? 8.408  10.569 -5.806  1.00 0.00 ? 4  DA  A "C2'"  1 
ATOM   104 C  "C1'"  . DA  A 1 4 ? 7.446  9.965  -4.758  1.00 0.00 ? 4  DA  A "C1'"  1 
ATOM   105 N  N9     . DA  A 1 4 ? 5.998  9.996  -5.146  1.00 0.00 ? 4  DA  A N9     1 
ATOM   106 C  C8     . DA  A 1 4 ? 5.316  10.810 -6.045  1.00 0.00 ? 4  DA  A C8     1 
ATOM   107 N  N7     . DA  A 1 4 ? 4.030  10.630 -6.066  1.00 0.00 ? 4  DA  A N7     1 
ATOM   108 C  C5     . DA  A 1 4 ? 3.825  9.600  -5.162  1.00 0.00 ? 4  DA  A C5     1 
ATOM   109 C  C6     . DA  A 1 4 ? 2.662  8.957  -4.727  1.00 0.00 ? 4  DA  A C6     1 
ATOM   110 N  N6     . DA  A 1 4 ? 1.438  9.272  -5.131  1.00 0.00 ? 4  DA  A N6     1 
ATOM   111 N  N1     . DA  A 1 4 ? 2.797  7.977  -3.836  1.00 0.00 ? 4  DA  A N1     1 
ATOM   112 C  C2     . DA  A 1 4 ? 3.990  7.664  -3.372  1.00 0.00 ? 4  DA  A C2     1 
ATOM   113 N  N3     . DA  A 1 4 ? 5.172  8.188  -3.697  1.00 0.00 ? 4  DA  A N3     1 
ATOM   114 C  C4     . DA  A 1 4 ? 5.011  9.182  -4.611  1.00 0.00 ? 4  DA  A C4     1 
ATOM   115 H  "H5'"  . DA  A 1 4 ? 7.688  12.991 -4.275  1.00 0.00 ? 4  DA  A "H5'"  1 
ATOM   116 H  "H5''" . DA  A 1 4 ? 8.073  12.854 -2.548  1.00 0.00 ? 4  DA  A "H5''" 1 
ATOM   117 H  "H4'"  . DA  A 1 4 ? 9.507  11.154 -2.726  1.00 0.00 ? 4  DA  A "H4'"  1 
ATOM   118 H  "H3'"  . DA  A 1 4 ? 10.349 11.655 -5.319  1.00 0.00 ? 4  DA  A "H3'"  1 
ATOM   119 H  "H2'"  . DA  A 1 4 ? 8.051  11.500 -6.256  1.00 0.00 ? 4  DA  A "H2'"  1 
ATOM   120 H  "H2''" . DA  A 1 4 ? 8.591  9.867  -6.640  1.00 0.00 ? 4  DA  A "H2''" 1 
ATOM   121 H  "H1'"  . DA  A 1 4 ? 7.793  8.998  -4.368  1.00 0.00 ? 4  DA  A "H1'"  1 
ATOM   122 H  H8     . DA  A 1 4 ? 5.731  11.563 -6.721  1.00 0.00 ? 4  DA  A H8     1 
ATOM   123 H  H61    . DA  A 1 4 ? 0.678  8.748  -4.721  1.00 0.00 ? 4  DA  A H61    1 
ATOM   124 H  H62    . DA  A 1 4 ? 1.271  10.012 -5.798  1.00 0.00 ? 4  DA  A H62    1 
ATOM   125 H  H2     . DA  A 1 4 ? 3.911  6.870  -2.629  1.00 0.00 ? 4  DA  A H2     1 
ATOM   126 P  P      . DC  A 1 5 ? 10.793 8.605  -5.766  1.00 0.00 ? 5  DC  A P      1 
ATOM   127 O  OP1    . DC  A 1 5 ? 12.090 8.015  -5.364  1.00 0.00 ? 5  DC  A OP1    1 
ATOM   128 O  OP2    . DC  A 1 5 ? 10.674 9.261  -7.090  1.00 0.00 ? 5  DC  A OP2    1 
ATOM   129 O  "O5'"  . DC  A 1 5 ? 9.655  7.428  -5.690  1.00 0.00 ? 5  DC  A "O5'"  1 
ATOM   130 C  "C5'"  . DC  A 1 5 ? 9.821  6.252  -4.862  1.00 0.00 ? 5  DC  A "C5'"  1 
ATOM   131 C  "C4'"  . DC  A 1 5 ? 9.358  4.911  -5.466  1.00 0.00 ? 5  DC  A "C4'"  1 
ATOM   132 O  "O4'"  . DC  A 1 5 ? 7.925  4.769  -5.440  1.00 0.00 ? 5  DC  A "O4'"  1 
ATOM   133 C  "C3'"  . DC  A 1 5 ? 9.856  4.454  -6.876  1.00 0.00 ? 5  DC  A "C3'"  1 
ATOM   134 O  "O3'"  . DC  A 1 5 ? 10.136 3.038  -6.937  1.00 0.00 ? 5  DC  A "O3'"  1 
ATOM   135 C  "C2'"  . DC  A 1 5 ? 8.610  4.817  -7.709  1.00 0.00 ? 5  DC  A "C2'"  1 
ATOM   136 C  "C1'"  . DC  A 1 5 ? 7.403  4.493  -6.751  1.00 0.00 ? 5  DC  A "C1'"  1 
ATOM   137 N  N1     . DC  A 1 5 ? 6.251  5.409  -6.962  1.00 0.00 ? 5  DC  A N1     1 
ATOM   138 C  C2     . DC  A 1 5 ? 4.955  4.951  -6.707  1.00 0.00 ? 5  DC  A C2     1 
ATOM   139 O  O2     . DC  A 1 5 ? 4.750  3.847  -6.206  1.00 0.00 ? 5  DC  A O2     1 
ATOM   140 N  N3     . DC  A 1 5 ? 3.904  5.760  -7.008  1.00 0.00 ? 5  DC  A N3     1 
ATOM   141 C  C4     . DC  A 1 5 ? 4.085  6.976  -7.542  1.00 0.00 ? 5  DC  A C4     1 
ATOM   142 N  N4     . DC  A 1 5 ? 3.015  7.726  -7.825  1.00 0.00 ? 5  DC  A N4     1 
ATOM   143 C  C5     . DC  A 1 5 ? 5.397  7.480  -7.801  1.00 0.00 ? 5  DC  A C5     1 
ATOM   144 C  C6     . DC  A 1 5 ? 6.464  6.694  -7.412  1.00 0.00 ? 5  DC  A C6     1 
ATOM   145 H  "H5'"  . DC  A 1 5 ? 9.186  6.311  -3.977  1.00 0.00 ? 5  DC  A "H5'"  1 
ATOM   146 H  "H5''" . DC  A 1 5 ? 10.848 6.196  -4.507  1.00 0.00 ? 5  DC  A "H5''" 1 
ATOM   147 H  "H4'"  . DC  A 1 5 ? 9.726  4.232  -4.698  1.00 0.00 ? 5  DC  A "H4'"  1 
ATOM   148 H  "H3'"  . DC  A 1 5 ? 10.786 4.939  -7.198  1.00 0.00 ? 5  DC  A "H3'"  1 
ATOM   149 H  "H2'"  . DC  A 1 5 ? 8.709  5.887  -8.010  1.00 0.00 ? 5  DC  A "H2'"  1 
ATOM   150 H  "H2''" . DC  A 1 5 ? 8.507  4.254  -8.638  1.00 0.00 ? 5  DC  A "H2''" 1 
ATOM   151 H  "H1'"  . DC  A 1 5 ? 6.965  3.454  -6.758  1.00 0.00 ? 5  DC  A "H1'"  1 
ATOM   152 H  H41    . DC  A 1 5 ? 2.111  7.394  -7.514  1.00 0.00 ? 5  DC  A H41    1 
ATOM   153 H  H42    . DC  A 1 5 ? 3.109  8.621  -8.283  1.00 0.00 ? 5  DC  A H42    1 
ATOM   154 H  H5     . DC  A 1 5 ? 5.562  8.419  -8.288  1.00 0.00 ? 5  DC  A H5     1 
ATOM   155 H  H6     . DC  A 1 5 ? 7.441  7.145  -7.453  1.00 0.00 ? 5  DC  A H6     1 
ATOM   156 P  P      . DG  A 1 6 ? 11.601 2.394  -7.274  1.00 0.00 ? 6  DG  A P      1 
ATOM   157 O  OP1    . DG  A 1 6 ? 12.647 3.297  -6.738  1.00 0.00 ? 6  DG  A OP1    1 
ATOM   158 O  OP2    . DG  A 1 6 ? 11.614 2.024  -8.707  1.00 0.00 ? 6  DG  A OP2    1 
ATOM   159 O  "O5'"  . DG  A 1 6 ? 11.647 1.029  -6.404  1.00 0.00 ? 6  DG  A "O5'"  1 
ATOM   160 C  "C5'"  . DG  A 1 6 ? 11.151 0.974  -5.057  1.00 0.00 ? 6  DG  A "C5'"  1 
ATOM   161 C  "C4'"  . DG  A 1 6 ? 9.756  0.346  -5.030  1.00 0.00 ? 6  DG  A "C4'"  1 
ATOM   162 O  "O4'"  . DG  A 1 6 ? 8.863  1.030  -5.925  1.00 0.00 ? 6  DG  A "O4'"  1 
ATOM   163 C  "C3'"  . DG  A 1 6 ? 9.556  -1.156 -5.364  1.00 0.00 ? 6  DG  A "C3'"  1 
ATOM   164 O  "O3'"  . DG  A 1 6 ? 8.645  -1.640 -4.356  1.00 0.00 ? 6  DG  A "O3'"  1 
ATOM   165 C  "C2'"  . DG  A 1 6 ? 8.860  -1.081 -6.740  1.00 0.00 ? 6  DG  A "C2'"  1 
ATOM   166 C  "C1'"  . DG  A 1 6 ? 7.956  0.080  -6.513  1.00 0.00 ? 6  DG  A "C1'"  1 
ATOM   167 N  N9     . DG  A 1 6 ? 7.251  0.677  -7.631  1.00 0.00 ? 6  DG  A N9     1 
ATOM   168 C  C8     . DG  A 1 6 ? 7.781  1.258  -8.718  1.00 0.00 ? 6  DG  A C8     1 
ATOM   169 N  N7     . DG  A 1 6 ? 6.904  1.846  -9.495  1.00 0.00 ? 6  DG  A N7     1 
ATOM   170 C  C5     . DG  A 1 6 ? 5.683  1.563  -8.867  1.00 0.00 ? 6  DG  A C5     1 
ATOM   171 C  C6     . DG  A 1 6 ? 4.343  1.925  -9.211  1.00 0.00 ? 6  DG  A C6     1 
ATOM   172 O  O6     . DG  A 1 6 ? 3.940  2.605  -10.153 1.00 0.00 ? 6  DG  A O6     1 
ATOM   173 N  N1     . DG  A 1 6 ? 3.428  1.408  -8.301  1.00 0.00 ? 6  DG  A N1     1 
ATOM   174 C  C2     . DG  A 1 6 ? 3.750  0.641  -7.202  1.00 0.00 ? 6  DG  A C2     1 
ATOM   175 N  N2     . DG  A 1 6 ? 2.744  0.217  -6.439  1.00 0.00 ? 6  DG  A N2     1 
ATOM   176 N  N3     . DG  A 1 6 ? 4.997  0.313  -6.873  1.00 0.00 ? 6  DG  A N3     1 
ATOM   177 C  C4     . DG  A 1 6 ? 5.900  0.808  -7.745  1.00 0.00 ? 6  DG  A C4     1 
ATOM   178 H  "H5'"  . DG  A 1 6 ? 11.042 1.986  -4.649  1.00 0.00 ? 6  DG  A "H5'"  1 
ATOM   179 H  "H5''" . DG  A 1 6 ? 11.831 0.469  -4.363  1.00 0.00 ? 6  DG  A "H5''" 1 
ATOM   180 H  "H4'"  . DG  A 1 6 ? 9.374  0.559  -4.045  1.00 0.00 ? 6  DG  A "H4'"  1 
ATOM   181 H  "H3'"  . DG  A 1 6 ? 10.464 -1.750 -5.317  1.00 0.00 ? 6  DG  A "H3'"  1 
ATOM   182 H  "HO3'" . DG  A 1 6 ? 7.930  -0.987 -4.331  1.00 0.00 ? 6  DG  A "HO3'" 1 
ATOM   183 H  "H2'"  . DG  A 1 6 ? 9.517  -0.764 -7.537  1.00 0.00 ? 6  DG  A "H2'"  1 
ATOM   184 H  "H2''" . DG  A 1 6 ? 8.306  -1.958 -7.084  1.00 0.00 ? 6  DG  A "H2''" 1 
ATOM   185 H  "H1'"  . DG  A 1 6 ? 7.189  -0.169 -5.750  1.00 0.00 ? 6  DG  A "H1'"  1 
ATOM   186 H  H8     . DG  A 1 6 ? 8.867  1.147  -8.797  1.00 0.00 ? 6  DG  A H8     1 
ATOM   187 H  H1     . DG  A 1 6 ? 2.450  1.613  -8.456  1.00 0.00 ? 6  DG  A H1     1 
ATOM   188 H  H21    . DG  A 1 6 ? 1.786  0.387  -6.717  1.00 0.00 ? 6  DG  A H21    1 
ATOM   189 H  H22    . DG  A 1 6 ? 2.939  -0.293 -5.590  1.00 0.00 ? 6  DG  A H22    1 
ATOM   190 O  "O5'"  . DC  B 1 1 ? -5.120 2.756  -8.853  1.00 0.00 ? 7  DC  B "O5'"  1 
ATOM   191 C  "C5'"  . DC  B 1 1 ? -5.782 1.520  -8.551  1.00 0.00 ? 7  DC  B "C5'"  1 
ATOM   192 C  "C4'"  . DC  B 1 1 ? -5.050 0.677  -7.499  1.00 0.00 ? 7  DC  B "C4'"  1 
ATOM   193 O  "O4'"  . DC  B 1 1 ? -3.704 0.334  -7.879  1.00 0.00 ? 7  DC  B "O4'"  1 
ATOM   194 C  "C3'"  . DC  B 1 1 ? -4.976 1.270  -6.107  1.00 0.00 ? 7  DC  B "C3'"  1 
ATOM   195 O  "O3'"  . DC  B 1 1 ? -5.219 0.144  -5.260  1.00 0.00 ? 7  DC  B "O3'"  1 
ATOM   196 C  "C2'"  . DC  B 1 1 ? -3.571 1.863  -6.095  1.00 0.00 ? 7  DC  B "C2'"  1 
ATOM   197 C  "C1'"  . DC  B 1 1 ? -2.747 0.907  -6.964  1.00 0.00 ? 7  DC  B "C1'"  1 
ATOM   198 N  N1     . DC  B 1 1 ? -1.735 1.618  -7.798  1.00 0.00 ? 7  DC  B N1     1 
ATOM   199 C  C2     . DC  B 1 1 ? -0.388 1.282  -7.713  1.00 0.00 ? 7  DC  B C2     1 
ATOM   200 O  O2     . DC  B 1 1 ? 0.003  0.435  -6.915  1.00 0.00 ? 7  DC  B O2     1 
ATOM   201 N  N3     . DC  B 1 1 ? 0.498  1.916  -8.536  1.00 0.00 ? 7  DC  B N3     1 
ATOM   202 C  C4     . DC  B 1 1 ? 0.113  2.872  -9.393  1.00 0.00 ? 7  DC  B C4     1 
ATOM   203 N  N4     . DC  B 1 1 ? 1.020  3.444  -10.194 1.00 0.00 ? 7  DC  B N4     1 
ATOM   204 C  C5     . DC  B 1 1 ? -1.260 3.274  -9.455  1.00 0.00 ? 7  DC  B C5     1 
ATOM   205 C  C6     . DC  B 1 1 ? -2.152 2.590  -8.654  1.00 0.00 ? 7  DC  B C6     1 
ATOM   206 H  "H5'"  . DC  B 1 1 ? -5.835 0.936  -9.468  1.00 0.00 ? 7  DC  B "H5'"  1 
ATOM   207 H  "H5''" . DC  B 1 1 ? -6.793 1.726  -8.191  1.00 0.00 ? 7  DC  B "H5''" 1 
ATOM   208 H  "H4'"  . DC  B 1 1 ? -5.568 -0.274 -7.368  1.00 0.00 ? 7  DC  B "H4'"  1 
ATOM   209 H  "H3'"  . DC  B 1 1 ? -5.764 1.994  -5.908  1.00 0.00 ? 7  DC  B "H3'"  1 
ATOM   210 H  "H2'"  . DC  B 1 1 ? -3.596 2.877  -6.470  1.00 0.00 ? 7  DC  B "H2'"  1 
ATOM   211 H  "H2''" . DC  B 1 1 ? -3.122 2.069  -5.147  1.00 0.00 ? 7  DC  B "H2''" 1 
ATOM   212 H  "H1'"  . DC  B 1 1 ? -2.317 0.115  -6.343  1.00 0.00 ? 7  DC  B "H1'"  1 
ATOM   213 H  H41    . DC  B 1 1 ? 1.992  3.164  -10.156 1.00 0.00 ? 7  DC  B H41    1 
ATOM   214 H  H42    . DC  B 1 1 ? 0.729  4.157  -10.849 1.00 0.00 ? 7  DC  B H42    1 
ATOM   215 H  H5     . DC  B 1 1 ? -1.608 4.070  -10.077 1.00 0.00 ? 7  DC  B H5     1 
ATOM   216 H  H6     . DC  B 1 1 ? -3.198 2.807  -8.695  1.00 0.00 ? 7  DC  B H6     1 
ATOM   217 H  "HO5'" . DC  B 1 1 ? -5.469 3.078  -9.691  1.00 0.00 ? 7  DC  B "HO5'" 1 
ATOM   218 P  P      . DG  B 1 2 ? -6.368 0.159  -4.126  1.00 0.00 ? 8  DG  B P      1 
ATOM   219 O  OP1    . DG  B 1 2 ? -6.709 -1.237 -3.775  1.00 0.00 ? 8  DG  B OP1    1 
ATOM   220 O  OP2    . DG  B 1 2 ? -7.432 1.113  -4.517  1.00 0.00 ? 8  DG  B OP2    1 
ATOM   221 O  "O5'"  . DG  B 1 2 ? -5.501 0.810  -2.951  1.00 0.00 ? 8  DG  B "O5'"  1 
ATOM   222 C  "C5'"  . DG  B 1 2 ? -4.352 0.064  -2.546  1.00 0.00 ? 8  DG  B "C5'"  1 
ATOM   223 C  "C4'"  . DG  B 1 2 ? -3.234 0.909  -1.945  1.00 0.00 ? 8  DG  B "C4'"  1 
ATOM   224 O  "O4'"  . DG  B 1 2 ? -2.491 1.646  -2.957  1.00 0.00 ? 8  DG  B "O4'"  1 
ATOM   225 C  "C3'"  . DG  B 1 2 ? -3.737 1.932  -0.864  1.00 0.00 ? 8  DG  B "C3'"  1 
ATOM   226 O  "O3'"  . DG  B 1 2 ? -2.943 1.952  0.333   1.00 0.00 ? 8  DG  B "O3'"  1 
ATOM   227 C  "C2'"  . DG  B 1 2 ? -3.366 3.230  -1.688  1.00 0.00 ? 8  DG  B "C2'"  1 
ATOM   228 C  "C1'"  . DG  B 1 2 ? -2.080 2.949  -2.495  1.00 0.00 ? 8  DG  B "C1'"  1 
ATOM   229 N  N9     . DG  B 1 2 ? -1.772 3.859  -3.668  1.00 0.00 ? 8  DG  B N9     1 
ATOM   230 C  C8     . DG  B 1 2 ? -2.586 4.742  -4.350  1.00 0.00 ? 8  DG  B C8     1 
ATOM   231 N  N7     . DG  B 1 2 ? -2.010 5.395  -5.319  1.00 0.00 ? 8  DG  B N7     1 
ATOM   232 C  C5     . DG  B 1 2 ? -0.709 4.921  -5.315  1.00 0.00 ? 8  DG  B C5     1 
ATOM   233 C  C6     . DG  B 1 2 ? 0.393  5.275  -6.151  1.00 0.00 ? 8  DG  B C6     1 
ATOM   234 O  O6     . DG  B 1 2 ? 0.425  6.080  -7.082  1.00 0.00 ? 8  DG  B O6     1 
ATOM   235 N  N1     . DG  B 1 2 ? 1.546  4.581  -5.811  1.00 0.00 ? 8  DG  B N1     1 
ATOM   236 C  C2     . DG  B 1 2 ? 1.631  3.646  -4.805  1.00 0.00 ? 8  DG  B C2     1 
ATOM   237 N  N2     . DG  B 1 2 ? 2.818  3.075  -4.615  1.00 0.00 ? 8  DG  B N2     1 
ATOM   238 N  N3     . DG  B 1 2 ? 0.594  3.318  -4.028  1.00 0.00 ? 8  DG  B N3     1 
ATOM   239 C  C4     . DG  B 1 2 ? -0.545 3.985  -4.323  1.00 0.00 ? 8  DG  B C4     1 
ATOM   240 H  "H5'"  . DG  B 1 2 ? -3.802 -0.239 -3.430  1.00 0.00 ? 8  DG  B "H5'"  1 
ATOM   241 H  "H5''" . DG  B 1 2 ? -4.725 -0.826 -2.008  1.00 0.00 ? 8  DG  B "H5''" 1 
ATOM   242 H  "H4'"  . DG  B 1 2 ? -2.490 0.146  -1.672  1.00 0.00 ? 8  DG  B "H4'"  1 
ATOM   243 H  "H3'"  . DG  B 1 2 ? -4.806 1.754  -0.496  1.00 0.00 ? 8  DG  B "H3'"  1 
ATOM   244 H  "H2'"  . DG  B 1 2 ? -4.084 3.416  -2.482  1.00 0.00 ? 8  DG  B "H2'"  1 
ATOM   245 H  "H2''" . DG  B 1 2 ? -3.252 4.120  -1.078  1.00 0.00 ? 8  DG  B "H2''" 1 
ATOM   246 H  "H1'"  . DG  B 1 2 ? -1.156 2.934  -1.872  1.00 0.00 ? 8  DG  B "H1'"  1 
ATOM   247 H  H8     . DG  B 1 2 ? -3.632 4.927  -4.151  1.00 0.00 ? 8  DG  B H8     1 
ATOM   248 H  H1     . DG  B 1 2 ? 2.378  4.796  -6.346  1.00 0.00 ? 8  DG  B H1     1 
ATOM   249 H  H21    . DG  B 1 2 ? 3.556  3.233  -5.287  1.00 0.00 ? 8  DG  B H21    1 
ATOM   250 H  H22    . DG  B 1 2 ? 2.944  2.484  -3.806  1.00 0.00 ? 8  DG  B H22    1 
ATOM   251 P  P      . DT  B 1 3 ? -3.509 2.608  1.709   1.00 0.00 ? 9  DT  B P      1 
ATOM   252 O  OP1    . DT  B 1 3 ? -4.196 1.540  2.469   1.00 0.00 ? 9  DT  B OP1    1 
ATOM   253 O  OP2    . DT  B 1 3 ? -4.236 3.851  1.369   1.00 0.00 ? 9  DT  B OP2    1 
ATOM   254 O  "O5'"  . DT  B 1 3 ? -2.169 3.019  2.496   1.00 0.00 ? 9  DT  B "O5'"  1 
ATOM   255 C  "C5'"  . DT  B 1 3 ? -1.221 2.036  2.916   1.00 0.00 ? 9  DT  B "C5'"  1 
ATOM   256 C  "C4'"  . DT  B 1 3 ? 0.206  2.395  2.429   1.00 0.00 ? 9  DT  B "C4'"  1 
ATOM   257 O  "O4'"  . DT  B 1 3 ? 0.215  2.702  1.012   1.00 0.00 ? 9  DT  B "O4'"  1 
ATOM   258 C  "C3'"  . DT  B 1 3 ? 0.774  3.623  3.082   1.00 0.00 ? 9  DT  B "C3'"  1 
ATOM   259 O  "O3'"  . DT  B 1 3 ? 1.842  3.305  3.980   1.00 0.00 ? 9  DT  B "O3'"  1 
ATOM   260 C  "C2'"  . DT  B 1 3 ? 1.380  4.443  1.980   1.00 0.00 ? 9  DT  B "C2'"  1 
ATOM   261 C  "C1'"  . DT  B 1 3 ? 1.286  3.606  0.700   1.00 0.00 ? 9  DT  B "C1'"  1 
ATOM   262 N  N1     . DT  B 1 3 ? 1.097  4.870  -0.153  1.00 0.00 ? 9  DT  B N1     1 
ATOM   263 C  C2     . DT  B 1 3 ? 2.142  5.327  -0.944  1.00 0.00 ? 9  DT  B C2     1 
ATOM   264 O  O2     . DT  B 1 3 ? 3.292  4.909  -0.845  1.00 0.00 ? 9  DT  B O2     1 
ATOM   265 N  N3     . DT  B 1 3 ? 1.826  6.317  -1.866  1.00 0.00 ? 9  DT  B N3     1 
ATOM   266 C  C4     . DT  B 1 3 ? 0.603  6.922  -2.024  1.00 0.00 ? 9  DT  B C4     1 
ATOM   267 O  O4     . DT  B 1 3 ? 0.441  7.807  -2.867  1.00 0.00 ? 9  DT  B O4     1 
ATOM   268 C  C5     . DT  B 1 3 ? -0.409 6.420  -1.134  1.00 0.00 ? 9  DT  B C5     1 
ATOM   269 C  C7     . DT  B 1 3 ? -1.763 7.108  -1.173  1.00 0.00 ? 9  DT  B C7     1 
ATOM   270 C  C6     . DT  B 1 3 ? -0.157 5.390  -0.284  1.00 0.00 ? 9  DT  B C6     1 
ATOM   271 H  "H5'"  . DT  B 1 3 ? -1.522 1.040  2.589   1.00 0.00 ? 9  DT  B "H5'"  1 
ATOM   272 H  "H5''" . DT  B 1 3 ? -1.289 1.983  3.999   1.00 0.00 ? 9  DT  B "H5''" 1 
ATOM   273 H  "H4'"  . DT  B 1 3 ? 0.912  1.634  2.731   1.00 0.00 ? 9  DT  B "H4'"  1 
ATOM   274 H  "H3'"  . DT  B 1 3 ? -0.055 4.163  3.547   1.00 0.00 ? 9  DT  B "H3'"  1 
ATOM   275 H  "H2'"  . DT  B 1 3 ? 0.848  5.401  1.966   1.00 0.00 ? 9  DT  B "H2'"  1 
ATOM   276 H  "H2''" . DT  B 1 3 ? 2.412  4.639  2.224   1.00 0.00 ? 9  DT  B "H2''" 1 
ATOM   277 H  "H1'"  . DT  B 1 3 ? 2.185  3.023  0.454   1.00 0.00 ? 9  DT  B "H1'"  1 
ATOM   278 H  H3     . DT  B 1 3 ? 2.561  6.616  -2.485  1.00 0.00 ? 9  DT  B H3     1 
ATOM   279 H  H71    . DT  B 1 3 ? -1.993 7.500  -0.184  1.00 0.00 ? 9  DT  B H71    1 
ATOM   280 H  H72    . DT  B 1 3 ? -2.519 6.409  -1.519  1.00 0.00 ? 9  DT  B H72    1 
ATOM   281 H  H73    . DT  B 1 3 ? -1.704 7.948  -1.872  1.00 0.00 ? 9  DT  B H73    1 
ATOM   282 H  H6     . DT  B 1 3 ? -0.903 4.921  0.332   1.00 0.00 ? 9  DT  B H6     1 
ATOM   283 P  P      . DA  B 1 4 ? 1.784  4.190  5.317   1.00 0.00 ? 10 DA  B P      1 
ATOM   284 O  OP1    . DA  B 1 4 ? 0.610  3.726  6.090   1.00 0.00 ? 10 DA  B OP1    1 
ATOM   285 O  OP2    . DA  B 1 4 ? 1.907  5.615  4.937   1.00 0.00 ? 10 DA  B OP2    1 
ATOM   286 O  "O5'"  . DA  B 1 4 ? 3.102  3.729  6.089   1.00 0.00 ? 10 DA  B "O5'"  1 
ATOM   287 C  "C5'"  . DA  B 1 4 ? 3.430  4.292  7.350   1.00 0.00 ? 10 DA  B "C5'"  1 
ATOM   288 C  "C4'"  . DA  B 1 4 ? 4.552  5.363  7.133   1.00 0.00 ? 10 DA  B "C4'"  1 
ATOM   289 O  "O4'"  . DA  B 1 4 ? 4.276  6.459  6.203   1.00 0.00 ? 10 DA  B "O4'"  1 
ATOM   290 C  "C3'"  . DA  B 1 4 ? 5.031  6.104  8.419   1.00 0.00 ? 10 DA  B "C3'"  1 
ATOM   291 O  "O3'"  . DA  B 1 4 ? 6.443  5.926  8.243   1.00 0.00 ? 10 DA  B "O3'"  1 
ATOM   292 C  "C2'"  . DA  B 1 4 ? 4.493  7.565  8.230   1.00 0.00 ? 10 DA  B "C2'"  1 
ATOM   293 C  "C1'"  . DA  B 1 4 ? 4.587  7.795  6.715   1.00 0.00 ? 10 DA  B "C1'"  1 
ATOM   294 N  N9     . DA  B 1 4 ? 3.635  8.665  6.012   1.00 0.00 ? 10 DA  B N9     1 
ATOM   295 C  C8     . DA  B 1 4 ? 2.296  8.728  6.324   1.00 0.00 ? 10 DA  B C8     1 
ATOM   296 N  N7     . DA  B 1 4 ? 1.630  9.585  5.613   1.00 0.00 ? 10 DA  B N7     1 
ATOM   297 C  C5     . DA  B 1 4 ? 2.584  10.134 4.767   1.00 0.00 ? 10 DA  B C5     1 
ATOM   298 C  C6     . DA  B 1 4 ? 2.509  11.109 3.762   1.00 0.00 ? 10 DA  B C6     1 
ATOM   299 N  N6     . DA  B 1 4 ? 1.374  11.737 3.422   1.00 0.00 ? 10 DA  B N6     1 
ATOM   300 N  N1     . DA  B 1 4 ? 3.646  11.420 3.114   1.00 0.00 ? 10 DA  B N1     1 
ATOM   301 C  C2     . DA  B 1 4 ? 4.780  10.792 3.455   1.00 0.00 ? 10 DA  B C2     1 
ATOM   302 N  N3     . DA  B 1 4 ? 4.962  9.870  4.371   1.00 0.00 ? 10 DA  B N3     1 
ATOM   303 C  C4     . DA  B 1 4 ? 3.808  9.578  5.005   1.00 0.00 ? 10 DA  B C4     1 
ATOM   304 H  "H5'"  . DA  B 1 4 ? 3.919  3.448  7.826   1.00 0.00 ? 10 DA  B "H5'"  1 
ATOM   305 H  "H5''" . DA  B 1 4 ? 2.486  4.504  7.922   1.00 0.00 ? 10 DA  B "H5''" 1 
ATOM   306 H  "H4'"  . DA  B 1 4 ? 5.380  4.738  6.648   1.00 0.00 ? 10 DA  B "H4'"  1 
ATOM   307 H  "H3'"  . DA  B 1 4 ? 4.725  5.691  9.406   1.00 0.00 ? 10 DA  B "H3'"  1 
ATOM   308 H  "H2'"  . DA  B 1 4 ? 3.448  7.671  8.553   1.00 0.00 ? 10 DA  B "H2'"  1 
ATOM   309 H  "H2''" . DA  B 1 4 ? 5.050  8.329  8.790   1.00 0.00 ? 10 DA  B "H2''" 1 
ATOM   310 H  "H1'"  . DA  B 1 4 ? 5.590  8.225  6.574   1.00 0.00 ? 10 DA  B "H1'"  1 
ATOM   311 H  H8     . DA  B 1 4 ? 1.836  8.113  7.097   1.00 0.00 ? 10 DA  B H8     1 
ATOM   312 H  H61    . DA  B 1 4 ? 1.381  12.433 2.690   1.00 0.00 ? 10 DA  B H61    1 
ATOM   313 H  H62    . DA  B 1 4 ? 0.512  11.515 3.900   1.00 0.00 ? 10 DA  B H62    1 
ATOM   314 H  H2     . DA  B 1 4 ? 5.669  11.085 2.895   1.00 0.00 ? 10 DA  B H2     1 
ATOM   315 P  P      . DC  B 1 5 ? 7.647  6.587  9.064   1.00 0.00 ? 11 DC  B P      1 
ATOM   316 O  OP1    . DC  B 1 5 ? 8.845  5.740  8.863   1.00 0.00 ? 11 DC  B OP1    1 
ATOM   317 O  OP2    . DC  B 1 5 ? 7.161  6.852  10.436  1.00 0.00 ? 11 DC  B OP2    1 
ATOM   318 O  "O5'"  . DC  B 1 5 ? 7.888  7.991  8.323   1.00 0.00 ? 11 DC  B "O5'"  1 
ATOM   319 C  "C5'"  . DC  B 1 5 ? 8.579  8.089  7.066   1.00 0.00 ? 11 DC  B "C5'"  1 
ATOM   320 C  "C4'"  . DC  B 1 5 ? 8.413  9.448  6.474   1.00 0.00 ? 11 DC  B "C4'"  1 
ATOM   321 O  "O4'"  . DC  B 1 5 ? 7.039  9.853  6.445   1.00 0.00 ? 11 DC  B "O4'"  1 
ATOM   322 C  "C3'"  . DC  B 1 5 ? 9.121  10.421 7.359   1.00 0.00 ? 11 DC  B "C3'"  1 
ATOM   323 O  "O3'"  . DC  B 1 5 ? 10.456 10.601 6.891   1.00 0.00 ? 11 DC  B "O3'"  1 
ATOM   324 C  "C2'"  . DC  B 1 5 ? 8.167  11.593 7.426   1.00 0.00 ? 11 DC  B "C2'"  1 
ATOM   325 C  "C1'"  . DC  B 1 5 ? 7.112  11.281 6.393   1.00 0.00 ? 11 DC  B "C1'"  1 
ATOM   326 N  N1     . DC  B 1 5 ? 5.816  11.900 6.741   1.00 0.00 ? 11 DC  B N1     1 
ATOM   327 C  C2     . DC  B 1 5 ? 5.323  12.884 5.904   1.00 0.00 ? 11 DC  B C2     1 
ATOM   328 O  O2     . DC  B 1 5 ? 6.014  13.331 4.991   1.00 0.00 ? 11 DC  B O2     1 
ATOM   329 N  N3     . DC  B 1 5 ? 4.065  13.349 6.120   1.00 0.00 ? 11 DC  B N3     1 
ATOM   330 C  C4     . DC  B 1 5 ? 3.310  12.886 7.125   1.00 0.00 ? 11 DC  B C4     1 
ATOM   331 N  N4     . DC  B 1 5 ? 2.072  13.359 7.284   1.00 0.00 ? 11 DC  B N4     1 
ATOM   332 C  C5     . DC  B 1 5 ? 3.817  11.898 8.032   1.00 0.00 ? 11 DC  B C5     1 
ATOM   333 C  C6     . DC  B 1 5 ? 5.119  11.489 7.837   1.00 0.00 ? 11 DC  B C6     1 
ATOM   334 H  "H5'"  . DC  B 1 5 ? 8.114  7.494  6.292   1.00 0.00 ? 11 DC  B "H5'"  1 
ATOM   335 H  "H5''" . DC  B 1 5 ? 9.665  7.921  7.204   1.00 0.00 ? 11 DC  B "H5''" 1 
ATOM   336 H  "H4'"  . DC  B 1 5 ? 8.842  9.461  5.480   1.00 0.00 ? 11 DC  B "H4'"  1 
ATOM   337 H  "H3'"  . DC  B 1 5 ? 9.129  9.984  8.336   1.00 0.00 ? 11 DC  B "H3'"  1 
ATOM   338 H  "H2'"  . DC  B 1 5 ? 7.673  11.551 8.402   1.00 0.00 ? 11 DC  B "H2'"  1 
ATOM   339 H  "H2''" . DC  B 1 5 ? 8.624  12.565 7.289   1.00 0.00 ? 11 DC  B "H2''" 1 
ATOM   340 H  "H1'"  . DC  B 1 5 ? 7.425  11.565 5.389   1.00 0.00 ? 11 DC  B "H1'"  1 
ATOM   341 H  H41    . DC  B 1 5 ? 1.664  13.908 6.539   1.00 0.00 ? 11 DC  B H41    1 
ATOM   342 H  H42    . DC  B 1 5 ? 1.523  13.101 8.094   1.00 0.00 ? 11 DC  B H42    1 
ATOM   343 H  H5     . DC  B 1 5 ? 3.236  11.467 8.820   1.00 0.00 ? 11 DC  B H5     1 
ATOM   344 H  H6     . DC  B 1 5 ? 5.602  10.860 8.562   1.00 0.00 ? 11 DC  B H6     1 
ATOM   345 P  P      . DG  B 1 6 ? 11.453 11.631 7.593   1.00 0.00 ? 12 DG  B P      1 
ATOM   346 O  OP1    . DG  B 1 6 ? 12.841 11.146 7.423   1.00 0.00 ? 12 DG  B OP1    1 
ATOM   347 O  OP2    . DG  B 1 6 ? 10.921 11.927 8.943   1.00 0.00 ? 12 DG  B OP2    1 
ATOM   348 O  "O5'"  . DG  B 1 6 ? 11.200 12.891 6.626   1.00 0.00 ? 12 DG  B "O5'"  1 
ATOM   349 C  "C5'"  . DG  B 1 6 ? 11.199 12.677 5.204   1.00 0.00 ? 12 DG  B "C5'"  1 
ATOM   350 C  "C4'"  . DG  B 1 6 ? 10.857 13.929 4.406   1.00 0.00 ? 12 DG  B "C4'"  1 
ATOM   351 O  "O4'"  . DG  B 1 6 ? 9.518  14.365 4.700   1.00 0.00 ? 12 DG  B "O4'"  1 
ATOM   352 C  "C3'"  . DG  B 1 6 ? 11.781 15.115 4.716   1.00 0.00 ? 12 DG  B "C3'"  1 
ATOM   353 O  "O3'"  . DG  B 1 6 ? 11.813 16.013 3.593   1.00 0.00 ? 12 DG  B "O3'"  1 
ATOM   354 C  "C2'"  . DG  B 1 6 ? 10.987 15.726 5.851   1.00 0.00 ? 12 DG  B "C2'"  1 
ATOM   355 C  "C1'"  . DG  B 1 6 ? 9.572  15.667 5.300   1.00 0.00 ? 12 DG  B "C1'"  1 
ATOM   356 N  N9     . DG  B 1 6 ? 8.490  15.751 6.292   1.00 0.00 ? 12 DG  B N9     1 
ATOM   357 C  C8     . DG  B 1 6 ? 8.445  15.218 7.544   1.00 0.00 ? 12 DG  B C8     1 
ATOM   358 N  N7     . DG  B 1 6 ? 7.265  15.258 8.099   1.00 0.00 ? 12 DG  B N7     1 
ATOM   359 C  C5     . DG  B 1 6 ? 6.499  15.975 7.181   1.00 0.00 ? 12 DG  B C5     1 
ATOM   360 C  C6     . DG  B 1 6 ? 5.126  16.354 7.225   1.00 0.00 ? 12 DG  B C6     1 
ATOM   361 O  O6     . DG  B 1 6 ? 4.284  16.095 8.084   1.00 0.00 ? 12 DG  B O6     1 
ATOM   362 N  N1     . DG  B 1 6 ? 4.767  17.096 6.109   1.00 0.00 ? 12 DG  B N1     1 
ATOM   363 C  C2     . DG  B 1 6 ? 5.613  17.436 5.073   1.00 0.00 ? 12 DG  B C2     1 
ATOM   364 N  N2     . DG  B 1 6 ? 5.092  18.177 4.092   1.00 0.00 ? 12 DG  B N2     1 
ATOM   365 N  N3     . DG  B 1 6 ? 6.894  17.064 5.019   1.00 0.00 ? 12 DG  B N3     1 
ATOM   366 C  C4     . DG  B 1 6 ? 7.263  16.337 6.102   1.00 0.00 ? 12 DG  B C4     1 
ATOM   367 H  "H5'"  . DG  B 1 6 ? 10.433 11.936 4.964   1.00 0.00 ? 12 DG  B "H5'"  1 
ATOM   368 H  "H5''" . DG  B 1 6 ? 12.170 12.290 4.888   1.00 0.00 ? 12 DG  B "H5''" 1 
ATOM   369 H  "H4'"  . DG  B 1 6 ? 10.893 13.664 3.352   1.00 0.00 ? 12 DG  B "H4'"  1 
ATOM   370 H  "H3'"  . DG  B 1 6 ? 12.767 14.758 5.008   1.00 0.00 ? 12 DG  B "H3'"  1 
ATOM   371 H  "HO3'" . DG  B 1 6 ? 12.383 16.755 3.815   1.00 0.00 ? 12 DG  B "HO3'" 1 
ATOM   372 H  "H2'"  . DG  B 1 6 ? 11.075 15.073 6.715   1.00 0.00 ? 12 DG  B "H2'"  1 
ATOM   373 H  "H2''" . DG  B 1 6 ? 11.304 16.716 6.166   1.00 0.00 ? 12 DG  B "H2''" 1 
ATOM   374 H  "H1'"  . DG  B 1 6 ? 9.423  16.384 4.499   1.00 0.00 ? 12 DG  B "H1'"  1 
ATOM   375 H  H8     . DG  B 1 6 ? 9.352  14.824 8.004   1.00 0.00 ? 12 DG  B H8     1 
ATOM   376 H  H1     . DG  B 1 6 ? 3.806  17.407 6.064   1.00 0.00 ? 12 DG  B H1     1 
ATOM   377 H  H21    . DG  B 1 6 ? 4.133  18.499 4.161   1.00 0.00 ? 12 DG  B H21    1 
ATOM   378 H  H22    . DG  B 1 6 ? 5.651  18.426 3.287   1.00 0.00 ? 12 DG  B H22    1 
HETATM 379 C  C1     . PL1 C 2 . ? 8.018  -2.581 -1.097  1.00 0.00 ? 13 PL1 B C1     1 
HETATM 380 C  C10    . PL1 C 2 . ? 2.580  -0.172 0.242   1.00 0.00 ? 13 PL1 B C10    1 
HETATM 381 C  C12    . PL1 C 2 . ? 2.660  -1.135 1.316   1.00 0.00 ? 13 PL1 B C12    1 
HETATM 382 C  C13    . PL1 C 2 . ? 4.053  -2.504 2.756   1.00 0.00 ? 13 PL1 B C13    1 
HETATM 383 C  C14    . PL1 C 2 . ? 5.272  -3.314 2.372   1.00 0.00 ? 13 PL1 B C14    1 
HETATM 384 C  C2     . PL1 C 2 . ? 6.880  -1.641 -1.517  1.00 0.00 ? 13 PL1 B C2     1 
HETATM 385 C  C27    . PL1 C 2 . ? 6.506  -2.487 2.527   1.00 0.00 ? 13 PL1 B C27    1 
HETATM 386 C  C28    . PL1 C 2 . ? 7.470  -2.758 3.431   1.00 0.00 ? 13 PL1 B C28    1 
HETATM 387 C  C29    . PL1 C 2 . ? 8.006  -0.974 2.348   1.00 0.00 ? 13 PL1 B C29    1 
HETATM 388 C  C3     . PL1 C 2 . ? 7.356  -0.197 -1.335  1.00 0.00 ? 13 PL1 B C3     1 
HETATM 389 C  C30    . PL1 C 2 . ? 4.104  -1.952 4.185   1.00 0.00 ? 13 PL1 B C30    1 
HETATM 390 C  C31    . PL1 C 2 . ? 4.003  0.229  5.436   1.00 0.00 ? 13 PL1 B C31    1 
HETATM 391 C  C33    . PL1 C 2 . ? 5.178  1.184  5.222   1.00 0.00 ? 13 PL1 B C33    1 
HETATM 392 C  C34    . PL1 C 2 . ? 6.682  0.639  5.222   1.00 0.00 ? 13 PL1 B C34    1 
HETATM 393 C  C36    . PL1 C 2 . ? 7.685  1.732  4.685   1.00 0.00 ? 13 PL1 B C36    1 
HETATM 394 C  C37    . PL1 C 2 . ? 8.273  4.151  4.138   1.00 0.00 ? 13 PL1 B C37    1 
HETATM 395 C  C38    . PL1 C 2 . ? 8.033  3.767  2.635   1.00 0.00 ? 13 PL1 B C38    1 
HETATM 396 C  C4     . PL1 C 2 . ? 6.365  1.188  -3.905  1.00 0.00 ? 13 PL1 B C4     1 
HETATM 397 C  C40    . PL1 C 2 . ? 7.568  5.555  4.404   1.00 0.00 ? 13 PL1 B C40    1 
HETATM 398 C  C41    . PL1 C 2 . ? 6.362  7.555  3.157   1.00 0.00 ? 13 PL1 B C41    1 
HETATM 399 C  C42    . PL1 C 2 . ? 4.924  7.088  2.819   1.00 0.00 ? 13 PL1 B C42    1 
HETATM 400 C  C43    . PL1 C 2 . ? 3.928  7.987  2.178   1.00 0.00 ? 13 PL1 B C43    1 
HETATM 401 C  C44    . PL1 C 2 . ? 1.923  9.153  1.303   1.00 0.00 ? 13 PL1 B C44    1 
HETATM 402 C  C45    . PL1 C 2 . ? 3.078  9.373  0.635   1.00 0.00 ? 13 PL1 B C45    1 
HETATM 403 C  C46    . PL1 C 2 . ? 3.152  10.112 -0.477  1.00 0.00 ? 13 PL1 B C46    1 
HETATM 404 C  C47    . PL1 C 2 . ? 3.693  11.273 -2.565  1.00 0.00 ? 13 PL1 B C47    1 
HETATM 405 C  C48    . PL1 C 2 . ? 2.393  11.356 -2.194  1.00 0.00 ? 13 PL1 B C48    1 
HETATM 406 C  C49    . PL1 C 2 . ? 1.294  12.027 -2.918  1.00 0.00 ? 13 PL1 B C49    1 
HETATM 407 C  C5     . PL1 C 2 . ? 5.203  0.880  -3.083  1.00 0.00 ? 13 PL1 B C5     1 
HETATM 408 C  C51    . PL1 C 2 . ? 0.439  13.341 -4.927  1.00 0.00 ? 13 PL1 B C51    1 
HETATM 409 C  C52    . PL1 C 2 . ? -1.029 12.858 -4.633  1.00 0.00 ? 13 PL1 B C52    1 
HETATM 410 C  C53    . PL1 C 2 . ? -2.218 13.369 -5.567  1.00 0.00 ? 13 PL1 B C53    1 
HETATM 411 C  C54    . PL1 C 2 . ? -4.855 12.466 -5.671  1.00 0.00 ? 13 PL1 B C54    1 
HETATM 412 C  C56    . PL1 C 2 . ? -6.250 13.011 -5.031  1.00 0.00 ? 13 PL1 B C56    1 
HETATM 413 C  C57    . PL1 C 2 . ? -7.036 12.277 -4.119  1.00 0.00 ? 13 PL1 B C57    1 
HETATM 414 C  C58    . PL1 C 2 . ? -8.220 12.757 -3.603  1.00 0.00 ? 13 PL1 B C58    1 
HETATM 415 C  C59    . PL1 C 2 . ? -8.684 13.986 -3.963  1.00 0.00 ? 13 PL1 B C59    1 
HETATM 416 C  C6     . PL1 C 2 . ? 5.323  1.373  -1.618  1.00 0.00 ? 13 PL1 B C6     1 
HETATM 417 C  C60    . PL1 C 2 . ? -7.969 14.741 -4.839  1.00 0.00 ? 13 PL1 B C60    1 
HETATM 418 C  C61    . PL1 C 2 . ? -6.785 14.272 -5.362  1.00 0.00 ? 13 PL1 B C61    1 
HETATM 419 C  C7     . PL1 C 2 . ? 3.950  1.039  -1.207  1.00 0.00 ? 13 PL1 B C7     1 
HETATM 420 C  C8     . PL1 C 2 . ? 1.623  1.078  -1.482  1.00 0.00 ? 13 PL1 B C8     1 
HETATM 421 C  C9     . PL1 C 2 . ? 1.444  0.261  -0.409  1.00 0.00 ? 13 PL1 B C9     1 
HETATM 422 C  CA     . PL1 C 2 . ? 0.000  0.000  0.000   1.00 0.00 ? 13 PL1 B CA     1 
HETATM 423 C  CB     . PL1 C 2 . ? 2.491  0.663  5.286   1.00 0.00 ? 13 PL1 B CB     1 
HETATM 424 C  CC     . PL1 C 2 . ? 7.041  -0.179 6.472   1.00 0.00 ? 13 PL1 B CC     1 
HETATM 425 C  CD     . PL1 C 2 . ? 6.502  3.586  2.473   1.00 0.00 ? 13 PL1 B CD     1 
HETATM 426 C  CE     . PL1 C 2 . ? -4.647 10.879 -5.633  1.00 0.00 ? 13 PL1 B CE     1 
HETATM 427 N  NA     . PL1 C 2 . ? 9.048  -2.766 -1.925  1.00 0.00 ? 13 PL1 B NA     1 
HETATM 428 N  NB     . PL1 C 2 . ? 5.592  -1.857 -0.776  1.00 0.00 ? 13 PL1 B NB     1 
HETATM 429 N  NC     . PL1 C 2 . ? 6.318  0.664  -0.692  1.00 0.00 ? 13 PL1 B NC     1 
HETATM 430 N  ND     . PL1 C 2 . ? 6.760  2.437  -4.123  1.00 0.00 ? 13 PL1 B ND     1 
HETATM 431 N  NE     . PL1 C 2 . ? 2.854  1.476  -1.880  1.00 0.00 ? 13 PL1 B NE     1 
HETATM 432 N  NF     . PL1 C 2 . ? 0.620  1.495  -2.229  1.00 0.00 ? 13 PL1 B NF     1 
HETATM 433 N  NG     . PL1 C 2 . ? 3.800  0.203  -0.194  1.00 0.00 ? 13 PL1 B NG     1 
HETATM 434 N  NH     . PL1 C 2 . ? 3.906  -1.484 1.701   1.00 0.00 ? 13 PL1 B NH     1 
HETATM 435 N  NI     . PL1 C 2 . ? 8.394  -1.807 3.319   1.00 0.00 ? 13 PL1 B NI     1 
HETATM 436 N  NJ     . PL1 C 2 . ? 6.809  -1.359 1.829   1.00 0.00 ? 13 PL1 B NJ     1 
HETATM 437 N  NK     . PL1 C 2 . ? 4.057  -0.637 4.295   1.00 0.00 ? 13 PL1 B NK     1 
HETATM 438 N  NL     . PL1 C 2 . ? 7.527  3.076  4.890   1.00 0.00 ? 13 PL1 B NL     1 
HETATM 439 N  NM     . PL1 C 2 . ? 7.138  6.317  3.352   1.00 0.00 ? 13 PL1 B NM     1 
HETATM 440 N  NN     . PL1 C 2 . ? 4.168  8.748  1.115   1.00 0.00 ? 13 PL1 B NN     1 
HETATM 441 N  NO     . PL1 C 2 . ? 2.109  10.719 -1.050  1.00 0.00 ? 13 PL1 B NO     1 
HETATM 442 N  NP     . PL1 C 2 . ? 1.460  12.655 -4.102  1.00 0.00 ? 13 PL1 B NP     1 
HETATM 443 N  NQ     . PL1 C 2 . ? -3.624 13.086 -5.018  1.00 0.00 ? 13 PL1 B NQ     1 
HETATM 444 O  O1     . PL1 C 2 . ? 7.962  -3.144 -0.014  1.00 0.00 ? 13 PL1 B O1     1 
HETATM 445 O  O12    . PL1 C 2 . ? 1.643  -1.610 1.815   1.00 0.00 ? 13 PL1 B O12    1 
HETATM 446 O  O1P    . PL1 C 2 . ? 5.118  0.940  1.963   1.00 0.00 ? 13 PL1 B O1P    1 
HETATM 447 O  O2P    . PL1 C 2 . ? 3.749  1.236  2.328   1.00 0.00 ? 13 PL1 B O2P    1 
HETATM 448 O  O30    . PL1 C 2 . ? 4.181  -2.702 5.159   1.00 0.00 ? 13 PL1 B O30    1 
HETATM 449 O  O36    . PL1 C 2 . ? 8.626  1.335  3.996   1.00 0.00 ? 13 PL1 B O36    1 
HETATM 450 O  O4     . PL1 C 2 . ? 6.910  0.196  -4.336  1.00 0.00 ? 13 PL1 B O4     1 
HETATM 451 O  O40    . PL1 C 2 . ? 7.387  5.911  5.563   1.00 0.00 ? 13 PL1 B O40    1 
HETATM 452 O  O49    . PL1 C 2 . ? 0.190  11.965 -2.381  1.00 0.00 ? 13 PL1 B O49    1 
HETATM 453 O  OH1    . PL1 C 2 . ? 5.091  -3.719 1.018   1.00 0.00 ? 13 PL1 B OH1    1 
HETATM 454 O  OH2    . PL1 C 2 . ? 5.192  2.246  6.133   1.00 0.00 ? 13 PL1 B OH2    1 
HETATM 455 O  OH3    . PL1 C 2 . ? 8.347  4.745  1.667   1.00 0.00 ? 13 PL1 B OH3    1 
HETATM 456 S  S43    . PL1 C 2 . ? 2.197  8.014  2.673   1.00 0.00 ? 13 PL1 B S43    1 
HETATM 457 S  S46    . PL1 C 2 . ? 4.668  10.317 -1.393  1.00 0.00 ? 13 PL1 B S46    1 
HETATM 458 CO CO     . PL1 C 2 . ? 5.366  -0.505 0.671   1.00 0.00 ? 13 PL1 B CO     1 
HETATM 459 H  H13    . PL1 C 2 . ? 3.206  -3.193 2.768   1.00 0.00 ? 13 PL1 B H13    1 
HETATM 460 H  H14    . PL1 C 2 . ? 5.328  -4.156 3.043   1.00 0.00 ? 13 PL1 B H14    1 
HETATM 461 H  H2     . PL1 C 2 . ? 6.815  -1.820 -2.609  1.00 0.00 ? 13 PL1 B H2     1 
HETATM 462 H  H28    . PL1 C 2 . ? 7.517  -3.577 4.140   1.00 0.00 ? 13 PL1 B H28    1 
HETATM 463 H  H29    . PL1 C 2 . ? 8.657  -0.166 2.153   1.00 0.00 ? 13 PL1 B H29    1 
HETATM 464 H  H3E    . PL1 C 2 . ? 7.635  0.166  -2.332  1.00 0.00 ? 13 PL1 B H3E    1 
HETATM 465 H  H3X    . PL1 C 2 . ? 8.269  -0.223 -0.732  1.00 0.00 ? 13 PL1 B H3X    1 
HETATM 466 H  H31    . PL1 C 2 . ? 4.323  -0.077 6.420   1.00 0.00 ? 13 PL1 B H31    1 
HETATM 467 H  H33    . PL1 C 2 . ? 4.732  1.602  4.348   1.00 0.00 ? 13 PL1 B H33    1 
HETATM 468 H  H34    . PL1 C 2 . ? 6.895  -0.236 4.573   1.00 0.00 ? 13 PL1 B H34    1 
HETATM 469 H  H37    . PL1 C 2 . ? 9.378  4.144  4.263   1.00 0.00 ? 13 PL1 B H37    1 
HETATM 470 H  H38    . PL1 C 2 . ? 8.715  2.985  2.260   1.00 0.00 ? 13 PL1 B H38    1 
HETATM 471 H  H1E    . PL1 C 2 . ? 6.795  8.047  2.283   1.00 0.00 ? 13 PL1 B H1E    1 
HETATM 472 H  H1X    . PL1 C 2 . ? 6.352  8.286  3.948   1.00 0.00 ? 13 PL1 B H1X    1 
HETATM 473 H  H2E    . PL1 C 2 . ? 4.391  6.769  3.711   1.00 0.00 ? 13 PL1 B H2E    1 
HETATM 474 H  H2X    . PL1 C 2 . ? 5.001  6.321  2.055   1.00 0.00 ? 13 PL1 B H2X    1 
HETATM 475 H  H44    . PL1 C 2 . ? 0.962  9.564  1.006   1.00 0.00 ? 13 PL1 B H44    1 
HETATM 476 H  H47    . PL1 C 2 . ? 4.172  11.666 -3.425  1.00 0.00 ? 13 PL1 B H47    1 
HETATM 477 H  H5E    . PL1 C 2 . ? 5.100  -0.221 -3.187  1.00 0.00 ? 13 PL1 B H5E    1 
HETATM 478 H  H5X    . PL1 C 2 . ? 4.424  1.415  -3.627  1.00 0.00 ? 13 PL1 B H5X    1 
HETATM 479 H  H6E    . PL1 C 2 . ? 0.714  13.154 -5.959  1.00 0.00 ? 13 PL1 B H6E    1 
HETATM 480 H  H6X    . PL1 C 2 . ? 0.602  14.418 -4.776  1.00 0.00 ? 13 PL1 B H6X    1 
HETATM 481 H  H7E    . PL1 C 2 . ? -1.193 13.206 -3.617  1.00 0.00 ? 13 PL1 B H7E    1 
HETATM 482 H  H7X    . PL1 C 2 . ? -0.963 11.753 -4.521  1.00 0.00 ? 13 PL1 B H7X    1 
HETATM 483 H  H8E    . PL1 C 2 . ? -2.041 12.984 -6.585  1.00 0.00 ? 13 PL1 B H8E    1 
HETATM 484 H  H8X    . PL1 C 2 . ? -2.159 14.459 -5.735  1.00 0.00 ? 13 PL1 B H8X    1 
HETATM 485 H  H54    . PL1 C 2 . ? -4.774 12.813 -6.749  1.00 0.00 ? 13 PL1 B H54    1 
HETATM 486 H  H57    . PL1 C 2 . ? -6.824 11.284 -3.717  1.00 0.00 ? 13 PL1 B H57    1 
HETATM 487 H  H58    . PL1 C 2 . ? -8.829 12.174 -2.897  1.00 0.00 ? 13 PL1 B H58    1 
HETATM 488 H  H59    . PL1 C 2 . ? -9.628 14.369 -3.548  1.00 0.00 ? 13 PL1 B H59    1 
HETATM 489 H  H6     . PL1 C 2 . ? 5.455  2.481  -1.582  1.00 0.00 ? 13 PL1 B H6     1 
HETATM 490 H  H60    . PL1 C 2 . ? -8.374 15.729 -5.112  1.00 0.00 ? 13 PL1 B H60    1 
HETATM 491 H  H61    . PL1 C 2 . ? -6.356 15.011 -6.043  1.00 0.00 ? 13 PL1 B H61    1 
HETATM 492 H  HAA    . PL1 C 2 . ? -0.589 0.925  -0.127  1.00 0.00 ? 13 PL1 B HAA    1 
HETATM 493 H  HAB    . PL1 C 2 . ? -0.104 -0.253 1.045   1.00 0.00 ? 13 PL1 B HAB    1 
HETATM 494 H  HAC    . PL1 C 2 . ? -0.471 -0.708 -0.674  1.00 0.00 ? 13 PL1 B HAC    1 
HETATM 495 H  HBA    . PL1 C 2 . ? 2.270  0.980  4.252   1.00 0.00 ? 13 PL1 B HBA    1 
HETATM 496 H  HBB    . PL1 C 2 . ? 2.123  1.438  5.945   1.00 0.00 ? 13 PL1 B HBB    1 
HETATM 497 H  HBC    . PL1 C 2 . ? 1.810  -0.198 5.391   1.00 0.00 ? 13 PL1 B HBC    1 
HETATM 498 H  HCA    . PL1 C 2 . ? 6.453  -1.108 6.439   1.00 0.00 ? 13 PL1 B HCA    1 
HETATM 499 H  HCB    . PL1 C 2 . ? 6.785  0.341  7.389   1.00 0.00 ? 13 PL1 B HCB    1 
HETATM 500 H  HCC    . PL1 C 2 . ? 8.088  -0.487 6.480   1.00 0.00 ? 13 PL1 B HCC    1 
HETATM 501 H  HDA    . PL1 C 2 . ? 5.953  4.422  2.917   1.00 0.00 ? 13 PL1 B HDA    1 
HETATM 502 H  HDB    . PL1 C 2 . ? 6.144  2.744  3.047   1.00 0.00 ? 13 PL1 B HDB    1 
HETATM 503 H  HDC    . PL1 C 2 . ? 6.227  3.538  1.435   1.00 0.00 ? 13 PL1 B HDC    1 
HETATM 504 H  HEA    . PL1 C 2 . ? -4.490 10.457 -4.628  1.00 0.00 ? 13 PL1 B HEA    1 
HETATM 505 H  HEB    . PL1 C 2 . ? -3.753 10.531 -6.175  1.00 0.00 ? 13 PL1 B HEB    1 
HETATM 506 H  HEC    . PL1 C 2 . ? -5.457 10.272 -6.054  1.00 0.00 ? 13 PL1 B HEC    1 
HETATM 507 H  HA1    . PL1 C 2 . ? 9.023  -2.318 -2.838  1.00 0.00 ? 13 PL1 B HA1    1 
HETATM 508 H  HA2    . PL1 C 2 . ? 9.822  -3.370 -1.680  1.00 0.00 ? 13 PL1 B HA2    1 
HETATM 509 H  HB1    . PL1 C 2 . ? 5.543  -2.791 -0.367  1.00 0.00 ? 13 PL1 B HB1    1 
HETATM 510 H  HB2    . PL1 C 2 . ? 4.846  -1.692 -1.438  1.00 0.00 ? 13 PL1 B HB2    1 
HETATM 511 H  HNC    . PL1 C 2 . ? 6.802  1.437  -0.251  1.00 0.00 ? 13 PL1 B HNC    1 
HETATM 512 H  HD1    . PL1 C 2 . ? 6.293  3.233  -3.706  1.00 0.00 ? 13 PL1 B HD1    1 
HETATM 513 H  HD2    . PL1 C 2 . ? 7.585  2.518  -4.692  1.00 0.00 ? 13 PL1 B HD2    1 
HETATM 514 H  HF1    . PL1 C 2 . ? -0.330 1.214  -2.083  1.00 0.00 ? 13 PL1 B HF1    1 
HETATM 515 H  HF2    . PL1 C 2 . ? 0.782  2.122  -3.011  1.00 0.00 ? 13 PL1 B HF2    1 
HETATM 516 H  HNI    . PL1 C 2 . ? 9.239  -1.709 3.869   1.00 0.00 ? 13 PL1 B HNI    1 
HETATM 517 H  HNK    . PL1 C 2 . ? 4.035  -0.092 3.457   1.00 0.00 ? 13 PL1 B HNK    1 
HETATM 518 H  HNL    . PL1 C 2 . ? 6.756  3.405  5.473   1.00 0.00 ? 13 PL1 B HNL    1 
HETATM 519 H  HNM    . PL1 C 2 . ? 7.350  5.924  2.445   1.00 0.00 ? 13 PL1 B HNM    1 
HETATM 520 H  HNP    . PL1 C 2 . ? 2.394  12.667 -4.491  1.00 0.00 ? 13 PL1 B HNP    1 
HETATM 521 H  HNQ    . PL1 C 2 . ? -3.828 13.559 -4.142  1.00 0.00 ? 13 PL1 B HNQ    1 
HETATM 522 H  H2P    . PL1 C 2 . ? 3.656  1.861  3.051   1.00 0.00 ? 13 PL1 B H2P    1 
HETATM 523 H  HO1    . PL1 C 2 . ? 4.258  -4.209 0.975   1.00 0.00 ? 13 PL1 B HO1    1 
HETATM 524 H  HO2    . PL1 C 2 . ? 4.376  2.765  6.091   1.00 0.00 ? 13 PL1 B HO2    1 
HETATM 525 H  HO3    . PL1 C 2 . ? 9.288  4.939  1.719   1.00 0.00 ? 13 PL1 B HO3    1 
# 
